data_3TML
#
_entry.id   3TML
#
_cell.length_a   47.380
_cell.length_b   149.010
_cell.length_c   151.070
_cell.angle_alpha   90.000
_cell.angle_beta   90.000
_cell.angle_gamma   90.000
#
_symmetry.space_group_name_H-M   'P 21 21 21'
#
loop_
_entity.id
_entity.type
_entity.pdbx_description
1 polymer '2-dehydro-3-deoxyphosphooctonate aldolase'
2 non-polymer 'SULFATE ION'
3 non-polymer 'CHLORIDE ION'
4 water water
#
_entity_poly.entity_id   1
_entity_poly.type   'polypeptide(L)'
_entity_poly.pdbx_seq_one_letter_code
;GPGSMKLCDFEVGLDQPFFLIAGTCVVESEQMTIDTAGRLKEICEKLNVPFIYKSSYDKANRSSGKSFRGLGMDEGLRIL
SEVKRQLGLPVLTDVHSIDEIEQVASVVDVLQTPAFLCRQTDFIHACARSGKPVNIKKGQFLAPHDMKNVIDKARDAARE
AGLSEDRFMACERGVSFGYNNLVSDMRSLAIMRETNAPVVFDATHSVQLPGGQGTSSGGQREFVPVLARAAVATGVAGLF
METHPNPAEAKSDGPNAVPLNRMGALLETLVTLDQAVKRNPFLENDFN
;
_entity_poly.pdbx_strand_id   A,B,C,D
#
loop_
_chem_comp.id
_chem_comp.type
_chem_comp.name
_chem_comp.formula
CL non-polymer 'CHLORIDE ION' 'Cl -1'
SO4 non-polymer 'SULFATE ION' 'O4 S -2'
#
# COMPACT_ATOMS: atom_id res chain seq x y z
N SER A 4 -24.78 -10.58 1.74
CA SER A 4 -24.75 -9.75 2.99
C SER A 4 -25.93 -10.10 3.92
N MET A 5 -25.75 -9.88 5.23
CA MET A 5 -26.82 -9.93 6.21
C MET A 5 -27.04 -8.53 6.80
N LYS A 6 -28.28 -8.12 7.04
CA LYS A 6 -28.57 -6.86 7.74
C LYS A 6 -28.41 -7.04 9.24
N LEU A 7 -27.68 -6.14 9.88
CA LEU A 7 -27.42 -6.23 11.32
C LEU A 7 -27.50 -4.81 11.84
N CYS A 8 -28.46 -4.54 12.71
CA CYS A 8 -28.67 -3.19 13.19
C CYS A 8 -28.88 -2.30 11.95
N ASP A 9 -28.28 -1.12 11.84
CA ASP A 9 -28.58 -0.27 10.67
C ASP A 9 -27.63 -0.47 9.46
N PHE A 10 -26.83 -1.53 9.43
CA PHE A 10 -25.86 -1.76 8.33
C PHE A 10 -25.86 -3.19 7.79
N GLU A 11 -25.08 -3.41 6.71
CA GLU A 11 -24.94 -4.71 6.07
C GLU A 11 -23.59 -5.29 6.46
N VAL A 12 -23.58 -6.57 6.83
CA VAL A 12 -22.36 -7.25 7.23
C VAL A 12 -22.16 -8.52 6.43
N GLY A 13 -20.93 -8.98 6.40
CA GLY A 13 -20.64 -10.17 5.66
C GLY A 13 -19.22 -10.18 5.18
N LEU A 14 -18.83 -11.35 4.66
CA LEU A 14 -17.51 -11.54 4.12
C LEU A 14 -17.27 -10.58 2.97
N ASP A 15 -18.31 -10.23 2.25
CA ASP A 15 -18.26 -9.27 1.12
C ASP A 15 -18.38 -7.78 1.55
N GLN A 16 -18.43 -7.48 2.83
CA GLN A 16 -18.60 -6.10 3.31
C GLN A 16 -17.41 -5.68 4.16
N PRO A 17 -17.27 -4.37 4.39
CA PRO A 17 -16.28 -3.91 5.35
C PRO A 17 -16.52 -4.53 6.72
N PHE A 18 -15.46 -4.92 7.45
CA PHE A 18 -15.66 -5.58 8.76
C PHE A 18 -16.29 -4.63 9.78
N PHE A 19 -17.08 -5.19 10.71
CA PHE A 19 -17.63 -4.42 11.81
C PHE A 19 -16.92 -4.74 13.09
N LEU A 20 -17.02 -3.82 14.04
CA LEU A 20 -16.40 -4.00 15.33
C LEU A 20 -17.45 -4.15 16.41
N ILE A 21 -17.26 -5.17 17.25
CA ILE A 21 -17.97 -5.30 18.51
C ILE A 21 -16.89 -4.99 19.58
N ALA A 22 -17.12 -4.01 20.44
CA ALA A 22 -16.14 -3.70 21.48
C ALA A 22 -16.76 -2.98 22.65
N GLY A 23 -16.08 -3.04 23.78
CA GLY A 23 -16.50 -2.38 24.99
C GLY A 23 -15.73 -2.92 26.17
N THR A 24 -16.06 -2.44 27.37
CA THR A 24 -15.39 -2.92 28.56
C THR A 24 -15.94 -4.30 28.87
N CYS A 25 -15.11 -5.15 29.46
CA CYS A 25 -15.54 -6.55 29.74
C CYS A 25 -16.92 -6.61 30.38
N VAL A 26 -17.07 -5.88 31.48
CA VAL A 26 -18.32 -5.88 32.26
C VAL A 26 -18.83 -4.46 32.37
N VAL A 27 -20.10 -4.29 32.73
CA VAL A 27 -20.63 -2.94 33.01
C VAL A 27 -20.15 -2.51 34.40
N GLU A 28 -19.21 -1.58 34.45
CA GLU A 28 -18.58 -1.17 35.70
C GLU A 28 -19.33 -0.01 36.37
N SER A 29 -19.97 0.82 35.54
CA SER A 29 -20.43 2.13 35.95
C SER A 29 -21.14 2.79 34.76
N GLU A 30 -22.14 3.63 35.00
CA GLU A 30 -22.81 4.36 33.91
C GLU A 30 -21.83 5.29 33.16
N GLN A 31 -21.04 6.06 33.91
CA GLN A 31 -20.02 6.96 33.30
C GLN A 31 -18.88 6.21 32.63
N MET A 32 -18.37 5.14 33.22
CA MET A 32 -17.37 4.31 32.52
C MET A 32 -17.93 3.82 31.18
N THR A 33 -19.20 3.39 31.20
CA THR A 33 -19.79 2.79 30.03
C THR A 33 -20.07 3.86 28.98
N ILE A 34 -20.67 4.97 29.38
CA ILE A 34 -21.04 6.02 28.42
C ILE A 34 -19.80 6.70 27.81
N ASP A 35 -18.78 6.91 28.62
CA ASP A 35 -17.53 7.51 28.12
C ASP A 35 -16.81 6.57 27.14
N THR A 36 -16.66 5.29 27.50
CA THR A 36 -15.95 4.36 26.63
C THR A 36 -16.70 4.20 25.32
N ALA A 37 -18.03 4.07 25.41
CA ALA A 37 -18.85 3.88 24.21
C ALA A 37 -18.72 5.10 23.32
N GLY A 38 -18.64 6.28 23.93
CA GLY A 38 -18.55 7.54 23.18
C GLY A 38 -17.22 7.70 22.42
N ARG A 39 -16.12 7.38 23.07
CA ARG A 39 -14.79 7.44 22.44
C ARG A 39 -14.68 6.39 21.31
N LEU A 40 -15.21 5.19 21.50
CA LEU A 40 -15.23 4.15 20.48
C LEU A 40 -16.05 4.59 19.29
N LYS A 41 -17.18 5.22 19.56
CA LYS A 41 -18.01 5.76 18.49
C LYS A 41 -17.23 6.76 17.62
N GLU A 42 -16.49 7.67 18.27
CA GLU A 42 -15.70 8.69 17.57
C GLU A 42 -14.61 8.06 16.72
N ILE A 43 -13.85 7.17 17.35
CA ILE A 43 -12.79 6.41 16.65
C ILE A 43 -13.35 5.68 15.42
N CYS A 44 -14.42 4.89 15.62
CA CYS A 44 -15.03 4.13 14.53
C CYS A 44 -15.66 4.97 13.40
N GLU A 45 -16.35 6.06 13.78
CA GLU A 45 -16.87 7.05 12.81
C GLU A 45 -15.78 7.60 11.89
N LYS A 46 -14.65 7.97 12.48
CA LYS A 46 -13.51 8.50 11.73
C LYS A 46 -12.99 7.50 10.71
N LEU A 47 -13.05 6.21 11.02
CA LEU A 47 -12.54 5.17 10.13
C LEU A 47 -13.59 4.45 9.29
N ASN A 48 -14.87 4.79 9.43
CA ASN A 48 -15.98 4.08 8.78
C ASN A 48 -16.01 2.60 9.09
N VAL A 49 -15.83 2.31 10.37
CA VAL A 49 -15.96 0.95 10.87
C VAL A 49 -17.32 0.91 11.55
N PRO A 50 -18.28 0.14 11.01
CA PRO A 50 -19.52 -0.06 11.72
C PRO A 50 -19.24 -0.61 13.12
N PHE A 51 -19.99 -0.12 14.10
CA PHE A 51 -19.66 -0.34 15.48
C PHE A 51 -20.87 -0.74 16.33
N ILE A 52 -20.68 -1.78 17.12
CA ILE A 52 -21.68 -2.27 18.05
C ILE A 52 -21.03 -2.30 19.45
N TYR A 53 -21.68 -1.68 20.42
CA TYR A 53 -21.12 -1.64 21.78
C TYR A 53 -21.51 -2.89 22.58
N LYS A 54 -20.52 -3.47 23.29
CA LYS A 54 -20.77 -4.59 24.17
C LYS A 54 -20.29 -4.36 25.60
N SER A 55 -21.12 -4.68 26.58
CA SER A 55 -20.60 -5.06 27.91
C SER A 55 -21.48 -6.13 28.52
N SER A 56 -20.91 -6.99 29.38
CA SER A 56 -21.67 -8.02 30.10
C SER A 56 -22.22 -7.48 31.41
N TYR A 57 -23.32 -8.07 31.89
CA TYR A 57 -23.98 -7.69 33.16
C TYR A 57 -23.76 -8.73 34.26
N GLY A 72 -25.50 -5.94 38.80
CA GLY A 72 -26.32 -7.07 38.33
C GLY A 72 -27.02 -6.86 36.99
N MET A 73 -27.93 -7.77 36.64
CA MET A 73 -28.62 -7.77 35.35
C MET A 73 -29.52 -6.54 35.11
N ASP A 74 -30.37 -6.18 36.06
CA ASP A 74 -31.29 -5.04 35.86
C ASP A 74 -30.55 -3.73 35.58
N GLU A 75 -29.52 -3.47 36.37
CA GLU A 75 -28.74 -2.26 36.31
C GLU A 75 -27.85 -2.24 35.09
N GLY A 76 -27.31 -3.42 34.76
CA GLY A 76 -26.53 -3.57 33.55
C GLY A 76 -27.31 -3.22 32.29
N LEU A 77 -28.53 -3.76 32.18
CA LEU A 77 -29.39 -3.48 31.02
C LEU A 77 -29.93 -2.04 30.96
N ARG A 78 -30.12 -1.44 32.14
CA ARG A 78 -30.48 -0.04 32.20
C ARG A 78 -29.39 0.81 31.55
N ILE A 79 -28.15 0.60 32.00
CA ILE A 79 -27.01 1.35 31.52
C ILE A 79 -26.83 1.09 30.03
N LEU A 80 -26.98 -0.16 29.59
CA LEU A 80 -26.95 -0.45 28.16
C LEU A 80 -28.05 0.28 27.35
N SER A 81 -29.25 0.47 27.94
CA SER A 81 -30.31 1.24 27.30
CA SER A 81 -30.31 1.24 27.30
C SER A 81 -29.87 2.69 27.10
N GLU A 82 -29.05 3.20 28.02
CA GLU A 82 -28.58 4.59 27.96
C GLU A 82 -27.51 4.82 26.90
N VAL A 83 -26.67 3.81 26.67
CA VAL A 83 -25.78 3.87 25.58
C VAL A 83 -26.55 4.07 24.26
N LYS A 84 -27.59 3.25 24.06
CA LYS A 84 -28.46 3.37 22.88
C LYS A 84 -29.11 4.75 22.83
N ARG A 85 -29.86 5.10 23.88
CA ARG A 85 -30.59 6.38 23.86
C ARG A 85 -29.65 7.58 23.64
N GLN A 86 -28.54 7.62 24.34
CA GLN A 86 -27.70 8.80 24.40
C GLN A 86 -26.74 8.88 23.22
N LEU A 87 -26.19 7.73 22.79
CA LEU A 87 -25.19 7.75 21.73
C LEU A 87 -25.71 7.21 20.38
N GLY A 88 -26.92 6.66 20.37
CA GLY A 88 -27.52 6.10 19.15
C GLY A 88 -26.82 4.85 18.63
N LEU A 89 -26.08 4.15 19.51
CA LEU A 89 -25.33 2.96 19.13
C LEU A 89 -26.14 1.69 19.31
N PRO A 90 -25.95 0.68 18.44
CA PRO A 90 -26.52 -0.63 18.77
C PRO A 90 -25.72 -1.30 19.87
N VAL A 91 -26.38 -2.16 20.64
CA VAL A 91 -25.72 -2.84 21.74
C VAL A 91 -25.95 -4.34 21.66
N LEU A 92 -24.91 -5.06 22.10
CA LEU A 92 -24.89 -6.50 22.17
C LEU A 92 -24.54 -6.92 23.59
N THR A 93 -25.17 -7.98 24.09
CA THR A 93 -24.72 -8.60 25.33
C THR A 93 -24.93 -10.11 25.30
N ASP A 94 -24.26 -10.81 26.22
CA ASP A 94 -24.40 -12.26 26.38
C ASP A 94 -25.61 -12.58 27.22
N VAL A 95 -26.29 -13.65 26.87
CA VAL A 95 -27.36 -14.18 27.70
C VAL A 95 -26.94 -15.59 28.17
N HIS A 96 -27.27 -15.91 29.43
CA HIS A 96 -26.77 -17.12 30.10
C HIS A 96 -27.78 -18.21 30.30
N SER A 97 -29.08 -17.90 30.26
CA SER A 97 -30.12 -18.90 30.52
C SER A 97 -31.36 -18.61 29.71
N ILE A 98 -32.20 -19.63 29.50
CA ILE A 98 -33.43 -19.43 28.74
C ILE A 98 -34.30 -18.32 29.38
N ASP A 99 -34.36 -18.29 30.71
CA ASP A 99 -35.23 -17.31 31.37
C ASP A 99 -34.75 -15.83 31.32
N GLU A 100 -33.49 -15.57 30.94
CA GLU A 100 -33.01 -14.17 30.73
C GLU A 100 -33.37 -13.59 29.34
N ILE A 101 -33.69 -14.46 28.41
CA ILE A 101 -33.77 -14.06 27.01
C ILE A 101 -34.80 -12.98 26.78
N GLU A 102 -36.01 -13.16 27.32
CA GLU A 102 -37.08 -12.23 27.03
C GLU A 102 -36.70 -10.79 27.42
N GLN A 103 -36.20 -10.62 28.64
CA GLN A 103 -35.80 -9.28 29.11
C GLN A 103 -34.61 -8.74 28.33
N VAL A 104 -33.56 -9.55 28.14
CA VAL A 104 -32.40 -9.08 27.42
C VAL A 104 -32.76 -8.59 26.00
N ALA A 105 -33.51 -9.40 25.25
CA ALA A 105 -33.88 -9.08 23.87
C ALA A 105 -34.77 -7.85 23.75
N SER A 106 -35.56 -7.58 24.78
CA SER A 106 -36.34 -6.36 24.83
C SER A 106 -35.46 -5.12 24.96
N VAL A 107 -34.22 -5.24 25.46
CA VAL A 107 -33.33 -4.07 25.58
C VAL A 107 -32.25 -3.98 24.46
N VAL A 108 -31.54 -5.06 24.20
CA VAL A 108 -30.37 -5.02 23.30
C VAL A 108 -30.72 -5.25 21.81
N ASP A 109 -29.77 -4.94 20.92
CA ASP A 109 -29.95 -5.17 19.49
C ASP A 109 -29.46 -6.53 19.01
N VAL A 110 -28.53 -7.13 19.75
CA VAL A 110 -27.94 -8.40 19.34
C VAL A 110 -27.68 -9.25 20.57
N LEU A 111 -28.10 -10.51 20.51
CA LEU A 111 -27.76 -11.44 21.57
C LEU A 111 -26.46 -12.13 21.22
N GLN A 112 -25.76 -12.60 22.24
CA GLN A 112 -24.59 -13.48 22.09
C GLN A 112 -24.71 -14.67 23.03
N THR A 113 -24.33 -15.86 22.58
CA THR A 113 -24.45 -17.06 23.39
C THR A 113 -23.10 -17.48 23.90
N PRO A 114 -23.01 -17.91 25.17
CA PRO A 114 -21.80 -18.47 25.72
C PRO A 114 -21.33 -19.66 24.91
N ALA A 115 -20.01 -19.76 24.71
CA ALA A 115 -19.42 -20.85 23.92
C ALA A 115 -19.80 -22.26 24.41
N PHE A 116 -19.76 -22.42 25.73
CA PHE A 116 -20.01 -23.74 26.34
C PHE A 116 -21.46 -24.23 26.04
N LEU A 117 -22.37 -23.31 25.75
CA LEU A 117 -23.77 -23.66 25.51
C LEU A 117 -24.11 -23.86 24.03
N CYS A 118 -23.11 -23.95 23.15
CA CYS A 118 -23.37 -24.06 21.70
C CYS A 118 -24.12 -25.29 21.28
N ARG A 119 -24.08 -26.36 22.08
CA ARG A 119 -24.82 -27.58 21.80
C ARG A 119 -26.06 -27.72 22.74
N GLN A 120 -26.38 -26.68 23.52
CA GLN A 120 -27.57 -26.75 24.40
C GLN A 120 -28.75 -26.21 23.59
N THR A 121 -29.36 -27.09 22.80
CA THR A 121 -30.30 -26.66 21.74
C THR A 121 -31.61 -26.00 22.21
N ASP A 122 -32.09 -26.35 23.40
CA ASP A 122 -33.30 -25.69 23.90
C ASP A 122 -32.95 -24.21 24.07
N PHE A 123 -31.76 -23.96 24.57
CA PHE A 123 -31.22 -22.62 24.77
C PHE A 123 -30.97 -21.90 23.44
N ILE A 124 -30.31 -22.59 22.52
CA ILE A 124 -30.00 -21.99 21.22
C ILE A 124 -31.30 -21.65 20.49
N HIS A 125 -32.25 -22.58 20.49
CA HIS A 125 -33.58 -22.38 19.92
C HIS A 125 -34.32 -21.22 20.53
N ALA A 126 -34.22 -21.07 21.84
CA ALA A 126 -34.90 -19.95 22.50
C ALA A 126 -34.31 -18.62 22.01
N CYS A 127 -32.98 -18.56 21.89
CA CYS A 127 -32.31 -17.37 21.39
C CYS A 127 -32.74 -17.10 19.97
N ALA A 128 -32.81 -18.16 19.18
CA ALA A 128 -33.23 -18.03 17.79
C ALA A 128 -34.65 -17.45 17.67
N ARG A 129 -35.54 -17.80 18.58
CA ARG A 129 -36.92 -17.30 18.53
C ARG A 129 -37.08 -15.95 19.26
N SER A 130 -35.99 -15.30 19.64
CA SER A 130 -36.06 -14.14 20.52
C SER A 130 -36.58 -12.89 19.83
N GLY A 131 -36.41 -12.80 18.51
CA GLY A 131 -36.73 -11.62 17.74
C GLY A 131 -35.49 -10.84 17.39
N LYS A 132 -34.34 -11.24 17.94
CA LYS A 132 -33.12 -10.50 17.69
C LYS A 132 -32.09 -11.37 16.99
N PRO A 133 -31.12 -10.73 16.35
CA PRO A 133 -30.06 -11.53 15.79
C PRO A 133 -29.16 -12.07 16.89
N VAL A 134 -28.49 -13.19 16.62
CA VAL A 134 -27.68 -13.88 17.60
C VAL A 134 -26.28 -14.22 17.06
N ASN A 135 -25.26 -13.75 17.78
CA ASN A 135 -23.87 -14.13 17.58
C ASN A 135 -23.62 -15.40 18.38
N ILE A 136 -23.48 -16.53 17.68
CA ILE A 136 -23.39 -17.84 18.34
C ILE A 136 -21.91 -18.21 18.45
N LYS A 137 -21.42 -18.24 19.68
CA LYS A 137 -20.02 -18.59 19.94
C LYS A 137 -19.76 -20.09 19.78
N LYS A 138 -18.71 -20.40 19.03
CA LYS A 138 -18.25 -21.79 18.83
C LYS A 138 -17.55 -22.31 20.09
N GLY A 139 -18.06 -23.43 20.63
CA GLY A 139 -17.45 -24.08 21.79
C GLY A 139 -16.00 -24.47 21.50
N GLN A 140 -15.15 -24.27 22.49
CA GLN A 140 -13.74 -24.68 22.45
C GLN A 140 -13.53 -26.16 22.11
N PHE A 141 -14.57 -26.95 22.28
CA PHE A 141 -14.58 -28.39 22.01
C PHE A 141 -15.09 -28.76 20.63
N LEU A 142 -15.59 -27.79 19.87
CA LEU A 142 -16.09 -28.05 18.53
C LEU A 142 -15.01 -27.95 17.46
N ALA A 143 -15.20 -28.74 16.40
CA ALA A 143 -14.48 -28.61 15.13
C ALA A 143 -15.22 -27.56 14.31
N PRO A 144 -14.52 -26.84 13.43
CA PRO A 144 -15.18 -25.82 12.63
C PRO A 144 -16.36 -26.29 11.83
N HIS A 145 -16.27 -27.48 11.22
CA HIS A 145 -17.41 -28.02 10.45
CA HIS A 145 -17.37 -28.03 10.42
C HIS A 145 -18.64 -28.20 11.26
N ASP A 146 -18.51 -28.26 12.60
CA ASP A 146 -19.66 -28.51 13.44
C ASP A 146 -20.61 -27.31 13.57
N MET A 147 -20.12 -26.11 13.27
CA MET A 147 -20.95 -24.92 13.42
C MET A 147 -22.06 -24.87 12.44
N LYS A 148 -21.91 -25.51 11.28
CA LYS A 148 -23.00 -25.56 10.29
C LYS A 148 -24.25 -26.14 10.93
N ASN A 149 -24.09 -27.27 11.61
CA ASN A 149 -25.24 -27.94 12.25
C ASN A 149 -25.88 -27.00 13.29
N VAL A 150 -25.05 -26.35 14.09
CA VAL A 150 -25.54 -25.43 15.10
C VAL A 150 -26.36 -24.31 14.42
N ILE A 151 -25.81 -23.69 13.40
CA ILE A 151 -26.52 -22.62 12.69
C ILE A 151 -27.80 -23.13 12.02
N ASP A 152 -27.74 -24.28 11.34
CA ASP A 152 -28.93 -24.83 10.65
C ASP A 152 -30.09 -25.04 11.64
N LYS A 153 -29.76 -25.54 12.82
CA LYS A 153 -30.78 -25.83 13.85
C LYS A 153 -31.34 -24.53 14.40
N ALA A 154 -30.51 -23.49 14.50
CA ALA A 154 -31.00 -22.17 14.94
C ALA A 154 -31.93 -21.56 13.90
N ARG A 155 -31.57 -21.68 12.63
CA ARG A 155 -32.41 -21.26 11.51
C ARG A 155 -33.74 -22.02 11.46
N ASP A 156 -33.74 -23.33 11.73
CA ASP A 156 -34.99 -24.08 11.76
C ASP A 156 -35.88 -23.48 12.83
N ALA A 157 -35.33 -23.26 14.02
CA ALA A 157 -36.11 -22.70 15.12
C ALA A 157 -36.69 -21.33 14.77
N ALA A 158 -35.91 -20.51 14.07
CA ALA A 158 -36.38 -19.20 13.65
C ALA A 158 -37.53 -19.36 12.65
N ARG A 159 -37.33 -20.18 11.62
CA ARG A 159 -38.36 -20.35 10.58
C ARG A 159 -39.64 -20.91 11.19
N GLU A 160 -39.50 -21.96 11.99
CA GLU A 160 -40.62 -22.57 12.73
C GLU A 160 -41.33 -21.58 13.67
N ALA A 161 -40.85 -20.33 13.72
CA ALA A 161 -41.40 -19.30 14.59
C ALA A 161 -41.74 -18.01 13.85
N GLY A 162 -41.76 -18.04 12.52
CA GLY A 162 -42.13 -16.87 11.72
C GLY A 162 -41.03 -15.87 11.37
N LEU A 163 -39.80 -16.14 11.81
CA LEU A 163 -38.68 -15.20 11.67
C LEU A 163 -37.74 -15.59 10.53
N SER A 164 -37.14 -14.56 9.90
CA SER A 164 -36.15 -14.71 8.83
C SER A 164 -34.94 -15.55 9.29
N GLU A 165 -34.40 -16.34 8.37
CA GLU A 165 -33.29 -17.23 8.71
C GLU A 165 -31.93 -16.52 8.74
N ASP A 166 -31.84 -15.36 8.10
CA ASP A 166 -30.54 -14.71 8.02
C ASP A 166 -30.35 -13.70 9.14
N ARG A 167 -30.19 -14.24 10.35
CA ARG A 167 -30.04 -13.46 11.57
C ARG A 167 -29.02 -14.03 12.56
N PHE A 168 -28.11 -14.91 12.08
CA PHE A 168 -27.15 -15.55 12.97
C PHE A 168 -25.75 -15.32 12.45
N MET A 169 -24.82 -15.23 13.40
CA MET A 169 -23.39 -15.17 13.07
C MET A 169 -22.63 -16.27 13.81
N ALA A 170 -21.56 -16.76 13.18
CA ALA A 170 -20.74 -17.80 13.78
C ALA A 170 -19.50 -17.16 14.33
N CYS A 171 -19.26 -17.32 15.63
CA CYS A 171 -18.18 -16.60 16.31
C CYS A 171 -17.05 -17.50 16.84
N GLU A 172 -15.89 -17.34 16.23
CA GLU A 172 -14.67 -18.05 16.60
C GLU A 172 -14.04 -17.48 17.88
N ARG A 173 -13.78 -18.33 18.88
CA ARG A 173 -13.14 -17.84 20.10
C ARG A 173 -12.04 -18.73 20.64
N GLY A 174 -11.49 -19.58 19.79
CA GLY A 174 -10.42 -20.49 20.17
C GLY A 174 -10.85 -21.94 20.31
N VAL A 175 -9.89 -22.83 20.10
CA VAL A 175 -10.13 -24.28 20.33
C VAL A 175 -9.12 -24.78 21.36
N SER A 176 -9.54 -25.74 22.18
CA SER A 176 -8.68 -26.33 23.20
C SER A 176 -7.39 -26.86 22.55
N PHE A 177 -6.26 -26.56 23.17
CA PHE A 177 -4.95 -27.02 22.71
C PHE A 177 -4.12 -27.51 23.90
N GLY A 178 -4.09 -28.82 24.09
CA GLY A 178 -3.59 -29.36 25.35
C GLY A 178 -4.38 -28.89 26.55
N TYR A 179 -3.72 -28.77 27.70
CA TYR A 179 -4.34 -28.24 28.90
C TYR A 179 -4.03 -26.76 29.02
N ASN A 180 -5.03 -25.99 29.44
CA ASN A 180 -4.89 -24.58 29.81
C ASN A 180 -4.31 -23.72 28.68
N ASN A 181 -4.73 -23.98 27.42
CA ASN A 181 -4.27 -23.20 26.30
C ASN A 181 -5.33 -23.31 25.22
N LEU A 182 -5.50 -22.25 24.44
CA LEU A 182 -6.35 -22.29 23.25
C LEU A 182 -5.48 -21.94 22.04
N VAL A 183 -5.83 -22.42 20.86
CA VAL A 183 -5.12 -21.97 19.68
C VAL A 183 -6.19 -21.45 18.71
N SER A 184 -5.82 -20.48 17.90
CA SER A 184 -6.69 -19.84 16.96
C SER A 184 -6.31 -20.34 15.59
N ASP A 185 -7.10 -21.30 15.15
CA ASP A 185 -6.93 -21.91 13.86
C ASP A 185 -7.58 -21.06 12.76
N MET A 186 -6.73 -20.42 11.96
CA MET A 186 -7.20 -19.50 10.95
C MET A 186 -8.00 -20.24 9.89
N ARG A 187 -7.78 -21.55 9.74
CA ARG A 187 -8.58 -22.35 8.81
C ARG A 187 -10.05 -22.32 9.17
N SER A 188 -10.32 -22.19 10.46
CA SER A 188 -11.69 -22.21 10.99
C SER A 188 -12.54 -21.08 10.44
N LEU A 189 -11.92 -19.91 10.35
CA LEU A 189 -12.56 -18.74 9.78
C LEU A 189 -12.95 -18.91 8.32
N ALA A 190 -12.16 -19.68 7.55
CA ALA A 190 -12.52 -20.03 6.16
C ALA A 190 -13.57 -21.14 6.10
N ILE A 191 -13.37 -22.21 6.89
CA ILE A 191 -14.30 -23.32 6.93
C ILE A 191 -15.72 -22.87 7.30
N MET A 192 -15.85 -22.04 8.31
CA MET A 192 -17.16 -21.60 8.80
C MET A 192 -17.96 -20.75 7.78
N ARG A 193 -17.33 -20.29 6.69
CA ARG A 193 -18.07 -19.69 5.56
C ARG A 193 -19.13 -20.63 4.99
N GLU A 194 -18.94 -21.93 5.19
CA GLU A 194 -19.92 -22.92 4.72
C GLU A 194 -21.28 -22.81 5.48
N THR A 195 -21.30 -22.09 6.62
CA THR A 195 -22.55 -21.88 7.36
C THR A 195 -23.45 -20.87 6.64
N ASN A 196 -22.90 -20.13 5.66
CA ASN A 196 -23.59 -19.03 4.99
C ASN A 196 -24.08 -18.00 6.00
N ALA A 197 -23.29 -17.81 7.05
CA ALA A 197 -23.52 -16.79 8.02
C ALA A 197 -22.22 -15.99 8.18
N PRO A 198 -22.34 -14.70 8.52
CA PRO A 198 -21.14 -13.91 8.76
C PRO A 198 -20.31 -14.55 9.85
N VAL A 199 -18.98 -14.59 9.66
CA VAL A 199 -18.07 -15.11 10.67
C VAL A 199 -17.46 -13.99 11.46
N VAL A 200 -17.48 -14.12 12.78
CA VAL A 200 -16.95 -13.13 13.67
C VAL A 200 -15.78 -13.72 14.46
N PHE A 201 -14.68 -12.99 14.55
CA PHE A 201 -13.51 -13.38 15.32
C PHE A 201 -13.47 -12.68 16.68
N ASP A 202 -13.42 -13.44 17.76
CA ASP A 202 -13.21 -12.91 19.12
C ASP A 202 -11.72 -12.94 19.49
N ALA A 203 -11.07 -11.77 19.38
CA ALA A 203 -9.62 -11.67 19.50
C ALA A 203 -9.23 -11.72 20.98
N THR A 204 -10.07 -11.18 21.83
CA THR A 204 -9.83 -11.14 23.26
C THR A 204 -9.88 -12.49 23.94
N HIS A 205 -10.95 -13.24 23.76
CA HIS A 205 -11.02 -14.56 24.37
C HIS A 205 -10.16 -15.63 23.71
N SER A 206 -9.81 -15.44 22.43
CA SER A 206 -8.95 -16.39 21.71
C SER A 206 -7.52 -16.47 22.25
N VAL A 207 -7.06 -15.43 22.97
CA VAL A 207 -5.74 -15.41 23.62
C VAL A 207 -5.77 -15.91 25.07
N GLN A 208 -6.95 -16.02 25.68
CA GLN A 208 -7.05 -16.33 27.13
C GLN A 208 -6.65 -17.78 27.40
N LEU A 209 -5.84 -17.96 28.44
CA LEU A 209 -5.43 -19.27 28.89
C LEU A 209 -6.46 -19.82 29.91
N PRO A 210 -7.26 -20.85 29.54
CA PRO A 210 -8.28 -21.39 30.47
C PRO A 210 -7.76 -21.72 31.85
N GLY A 219 -3.16 -12.10 30.96
CA GLY A 219 -1.82 -11.54 30.86
C GLY A 219 -1.30 -11.83 29.46
N GLN A 220 -2.19 -11.86 28.49
CA GLN A 220 -1.81 -12.25 27.12
C GLN A 220 -2.16 -11.14 26.12
N ARG A 221 -2.23 -9.90 26.60
CA ARG A 221 -2.69 -8.82 25.73
CA ARG A 221 -2.61 -8.74 25.78
C ARG A 221 -1.82 -8.64 24.47
N GLU A 222 -0.52 -8.99 24.53
CA GLU A 222 0.38 -8.86 23.38
C GLU A 222 -0.10 -9.66 22.17
N PHE A 223 -0.89 -10.70 22.40
CA PHE A 223 -1.37 -11.50 21.26
C PHE A 223 -2.65 -11.03 20.68
N VAL A 224 -3.30 -10.06 21.30
CA VAL A 224 -4.58 -9.59 20.77
C VAL A 224 -4.37 -8.91 19.41
N PRO A 225 -3.42 -7.97 19.31
CA PRO A 225 -3.20 -7.35 17.97
C PRO A 225 -2.76 -8.41 16.95
N VAL A 226 -1.96 -9.34 17.42
CA VAL A 226 -1.40 -10.38 16.56
C VAL A 226 -2.53 -11.16 15.95
N LEU A 227 -3.41 -11.71 16.79
CA LEU A 227 -4.52 -12.52 16.22
C LEU A 227 -5.54 -11.67 15.43
N ALA A 228 -5.81 -10.44 15.87
CA ALA A 228 -6.75 -9.54 15.15
C ALA A 228 -6.28 -9.32 13.71
N ARG A 229 -5.01 -9.00 13.55
CA ARG A 229 -4.40 -8.78 12.22
C ARG A 229 -4.52 -10.05 11.39
N ALA A 230 -4.14 -11.19 11.97
CA ALA A 230 -4.21 -12.47 11.25
C ALA A 230 -5.64 -12.81 10.78
N ALA A 231 -6.63 -12.64 11.68
CA ALA A 231 -8.03 -12.98 11.41
C ALA A 231 -8.63 -12.08 10.33
N VAL A 232 -8.36 -10.77 10.45
CA VAL A 232 -8.84 -9.81 9.42
C VAL A 232 -8.22 -10.10 8.06
N ALA A 233 -6.92 -10.43 8.02
CA ALA A 233 -6.25 -10.80 6.77
C ALA A 233 -6.79 -12.12 6.21
N THR A 234 -7.19 -13.01 7.11
CA THR A 234 -7.85 -14.24 6.72
C THR A 234 -9.15 -13.96 6.04
N GLY A 235 -9.90 -13.01 6.58
CA GLY A 235 -11.19 -12.62 5.97
C GLY A 235 -12.37 -13.03 6.81
N VAL A 236 -12.87 -12.04 7.54
CA VAL A 236 -14.04 -12.20 8.43
C VAL A 236 -15.05 -11.07 8.21
N ALA A 237 -16.24 -11.28 8.70
CA ALA A 237 -17.28 -10.27 8.60
C ALA A 237 -17.17 -9.28 9.79
N GLY A 238 -16.72 -9.77 10.93
CA GLY A 238 -16.65 -8.94 12.14
C GLY A 238 -15.54 -9.36 13.08
N LEU A 239 -15.22 -8.46 13.99
CA LEU A 239 -14.18 -8.62 14.97
C LEU A 239 -14.74 -8.21 16.32
N PHE A 240 -14.41 -8.95 17.38
CA PHE A 240 -14.73 -8.54 18.73
C PHE A 240 -13.47 -8.32 19.54
N MET A 241 -13.38 -7.18 20.21
CA MET A 241 -12.24 -6.88 21.07
C MET A 241 -12.73 -6.19 22.30
N GLU A 242 -12.22 -6.59 23.46
CA GLU A 242 -12.43 -5.81 24.68
C GLU A 242 -11.40 -4.71 24.80
N THR A 243 -11.82 -3.58 25.36
CA THR A 243 -10.94 -2.45 25.61
C THR A 243 -11.23 -1.84 27.00
N HIS A 244 -10.37 -0.96 27.47
CA HIS A 244 -10.62 -0.20 28.70
C HIS A 244 -9.77 1.04 28.65
N PRO A 245 -10.23 2.15 29.25
CA PRO A 245 -9.38 3.34 29.27
C PRO A 245 -8.07 3.15 30.05
N ASN A 246 -8.14 2.42 31.16
CA ASN A 246 -6.97 2.05 31.98
C ASN A 246 -7.13 0.58 32.41
N PRO A 247 -6.72 -0.39 31.55
CA PRO A 247 -6.85 -1.84 31.80
C PRO A 247 -6.37 -2.32 33.17
N ALA A 248 -5.31 -1.69 33.69
CA ALA A 248 -4.77 -1.98 35.03
C ALA A 248 -5.85 -1.86 36.12
N GLU A 249 -6.69 -0.83 35.99
CA GLU A 249 -7.81 -0.58 36.91
C GLU A 249 -9.16 -1.21 36.45
N ALA A 250 -9.17 -2.08 35.43
CA ALA A 250 -10.41 -2.75 34.95
C ALA A 250 -10.96 -3.72 36.00
N LYS A 251 -12.27 -3.97 35.96
CA LYS A 251 -12.95 -4.81 36.98
C LYS A 251 -13.01 -6.33 36.61
N SER A 252 -12.82 -6.68 35.33
CA SER A 252 -12.59 -8.08 34.92
C SER A 252 -11.75 -8.14 33.63
N ASP A 253 -10.86 -9.14 33.53
CA ASP A 253 -10.01 -9.39 32.34
C ASP A 253 -9.07 -8.23 31.93
N GLY A 254 -8.74 -7.35 32.87
CA GLY A 254 -7.83 -6.23 32.62
C GLY A 254 -6.59 -6.65 31.87
N PRO A 255 -5.94 -7.74 32.34
CA PRO A 255 -4.74 -8.23 31.65
C PRO A 255 -4.89 -8.53 30.16
N ASN A 256 -6.13 -8.66 29.64
CA ASN A 256 -6.33 -8.93 28.17
C ASN A 256 -7.02 -7.84 27.34
N ALA A 257 -7.31 -6.71 27.98
CA ALA A 257 -7.98 -5.61 27.31
C ALA A 257 -6.97 -4.83 26.46
N VAL A 258 -7.40 -4.35 25.30
CA VAL A 258 -6.60 -3.37 24.56
C VAL A 258 -6.87 -1.98 25.13
N PRO A 259 -5.82 -1.20 25.39
CA PRO A 259 -6.09 0.10 25.94
C PRO A 259 -6.78 1.01 24.91
N LEU A 260 -7.82 1.69 25.35
CA LEU A 260 -8.62 2.58 24.50
C LEU A 260 -7.79 3.49 23.62
N ASN A 261 -6.71 4.07 24.16
CA ASN A 261 -5.91 5.03 23.37
C ASN A 261 -5.01 4.40 22.32
N ARG A 262 -5.08 3.09 22.21
CA ARG A 262 -4.43 2.37 21.13
C ARG A 262 -5.42 1.74 20.14
N MET A 263 -6.73 1.85 20.36
CA MET A 263 -7.70 1.20 19.47
C MET A 263 -7.72 1.86 18.09
N GLY A 264 -7.56 3.18 18.05
CA GLY A 264 -7.51 3.91 16.78
C GLY A 264 -6.42 3.40 15.87
N ALA A 265 -5.20 3.40 16.39
CA ALA A 265 -4.05 2.85 15.66
C ALA A 265 -4.29 1.43 15.12
N LEU A 266 -4.73 0.54 15.99
CA LEU A 266 -4.97 -0.84 15.59
C LEU A 266 -6.06 -0.93 14.51
N LEU A 267 -7.17 -0.24 14.73
CA LEU A 267 -8.27 -0.31 13.79
C LEU A 267 -7.87 0.25 12.46
N GLU A 268 -7.04 1.27 12.47
CA GLU A 268 -6.51 1.81 11.23
C GLU A 268 -5.72 0.74 10.42
N THR A 269 -4.87 -0.01 11.11
CA THR A 269 -4.17 -1.15 10.51
C THR A 269 -5.15 -2.21 10.00
N LEU A 270 -6.12 -2.58 10.83
CA LEU A 270 -7.11 -3.56 10.45
C LEU A 270 -7.90 -3.16 9.24
N VAL A 271 -8.27 -1.88 9.16
CA VAL A 271 -9.02 -1.41 7.97
C VAL A 271 -8.23 -1.64 6.68
N THR A 272 -6.96 -1.26 6.69
CA THR A 272 -6.10 -1.49 5.52
C THR A 272 -6.04 -2.96 5.10
N LEU A 273 -5.88 -3.85 6.09
CA LEU A 273 -5.83 -5.29 5.84
C LEU A 273 -7.14 -5.79 5.28
N ASP A 274 -8.25 -5.34 5.89
CA ASP A 274 -9.60 -5.72 5.49
C ASP A 274 -9.83 -5.34 4.04
N GLN A 275 -9.51 -4.09 3.71
CA GLN A 275 -9.64 -3.59 2.33
C GLN A 275 -8.78 -4.39 1.37
N ALA A 276 -7.54 -4.66 1.78
CA ALA A 276 -6.59 -5.30 0.87
C ALA A 276 -7.04 -6.71 0.52
N VAL A 277 -7.55 -7.47 1.49
CA VAL A 277 -8.00 -8.85 1.19
C VAL A 277 -9.36 -8.97 0.53
N LYS A 278 -10.22 -7.98 0.69
CA LYS A 278 -11.55 -8.02 0.05
C LYS A 278 -11.61 -7.28 -1.31
N ARG A 279 -10.54 -6.60 -1.68
CA ARG A 279 -10.45 -5.85 -2.94
C ARG A 279 -10.54 -6.79 -4.15
N ASN A 280 -9.93 -7.97 -4.04
CA ASN A 280 -10.04 -9.00 -5.07
C ASN A 280 -10.68 -10.25 -4.46
N PRO A 281 -11.10 -11.21 -5.31
CA PRO A 281 -11.59 -12.49 -4.79
C PRO A 281 -10.57 -13.21 -3.86
N PHE A 282 -11.05 -13.96 -2.90
CA PHE A 282 -10.16 -14.73 -2.04
C PHE A 282 -9.61 -15.86 -2.90
N LEU A 283 -8.29 -16.00 -2.94
CA LEU A 283 -7.69 -17.05 -3.78
C LEU A 283 -8.11 -18.47 -3.41
N GLU A 284 -8.41 -18.73 -2.13
CA GLU A 284 -8.89 -20.08 -1.72
C GLU A 284 -10.17 -20.52 -2.45
N ASN A 285 -10.96 -19.57 -2.91
CA ASN A 285 -12.15 -19.90 -3.70
C ASN A 285 -11.84 -20.47 -5.11
N ASP A 286 -10.61 -20.32 -5.61
CA ASP A 286 -10.17 -21.04 -6.83
C ASP A 286 -9.67 -22.46 -6.56
N PHE A 287 -9.38 -22.79 -5.30
CA PHE A 287 -8.98 -24.16 -4.92
C PHE A 287 -10.02 -24.75 -3.97
N SER B 4 -7.31 21.94 9.18
CA SER B 4 -8.47 21.50 8.35
C SER B 4 -9.53 22.60 8.35
N MET B 5 -10.07 22.96 7.19
CA MET B 5 -11.30 23.76 7.17
C MET B 5 -12.58 22.89 7.10
N LYS B 6 -13.66 23.36 7.70
CA LYS B 6 -14.97 22.69 7.64
C LYS B 6 -15.61 22.90 6.28
N LEU B 7 -15.97 21.83 5.58
CA LEU B 7 -16.63 22.00 4.28
C LEU B 7 -17.80 21.05 4.20
N CYS B 8 -19.00 21.59 4.10
CA CYS B 8 -20.21 20.79 4.12
C CYS B 8 -20.11 19.90 5.39
N ASP B 9 -20.32 18.59 5.31
CA ASP B 9 -20.32 17.80 6.56
C ASP B 9 -18.96 17.20 6.92
N PHE B 10 -17.85 17.67 6.34
CA PHE B 10 -16.55 17.05 6.66
C PHE B 10 -15.42 18.06 6.79
N GLU B 11 -14.23 17.58 7.18
CA GLU B 11 -13.05 18.42 7.31
C GLU B 11 -12.16 18.14 6.10
N VAL B 12 -11.61 19.19 5.52
CA VAL B 12 -10.73 19.06 4.35
C VAL B 12 -9.48 19.86 4.59
N GLY B 13 -8.42 19.53 3.86
CA GLY B 13 -7.16 20.19 4.08
C GLY B 13 -5.99 19.30 3.71
N LEU B 14 -4.81 19.90 3.70
CA LEU B 14 -3.61 19.19 3.31
C LEU B 14 -3.38 18.07 4.30
N ASP B 15 -3.93 18.22 5.51
CA ASP B 15 -3.79 17.23 6.56
C ASP B 15 -5.02 16.25 6.76
N GLN B 16 -5.84 16.10 5.72
CA GLN B 16 -7.02 15.23 5.74
C GLN B 16 -7.01 14.38 4.49
N PRO B 17 -7.85 13.34 4.44
CA PRO B 17 -8.03 12.61 3.17
C PRO B 17 -8.59 13.55 2.11
N PHE B 18 -8.16 13.40 0.87
CA PHE B 18 -8.67 14.26 -0.18
C PHE B 18 -10.15 14.02 -0.43
N PHE B 19 -10.84 15.08 -0.87
CA PHE B 19 -12.22 15.00 -1.29
C PHE B 19 -12.32 15.09 -2.81
N LEU B 20 -13.40 14.52 -3.34
CA LEU B 20 -13.69 14.55 -4.76
C LEU B 20 -14.84 15.48 -5.08
N ILE B 21 -14.63 16.33 -6.08
CA ILE B 21 -15.71 17.04 -6.75
C ILE B 21 -15.81 16.41 -8.14
N ALA B 22 -16.99 15.93 -8.49
CA ALA B 22 -17.13 15.22 -9.76
C ALA B 22 -18.56 15.28 -10.23
N GLY B 23 -18.73 15.21 -11.53
CA GLY B 23 -20.08 15.07 -12.11
C GLY B 23 -20.01 15.23 -13.61
N THR B 24 -21.17 15.39 -14.25
CA THR B 24 -21.19 15.60 -15.69
C THR B 24 -20.90 17.09 -15.92
N CYS B 25 -20.24 17.37 -17.04
CA CYS B 25 -19.91 18.76 -17.38
C CYS B 25 -21.10 19.72 -17.22
N VAL B 26 -22.17 19.44 -17.96
CA VAL B 26 -23.38 20.25 -17.90
C VAL B 26 -24.51 19.40 -17.35
N VAL B 27 -25.50 20.05 -16.74
CA VAL B 27 -26.73 19.34 -16.36
C VAL B 27 -27.40 18.95 -17.68
N GLU B 28 -27.38 17.66 -17.99
CA GLU B 28 -27.96 17.18 -19.25
C GLU B 28 -29.46 16.89 -19.17
N SER B 29 -29.86 16.02 -18.24
CA SER B 29 -31.26 15.74 -17.93
C SER B 29 -31.38 15.49 -16.43
N GLU B 30 -32.58 15.12 -15.96
CA GLU B 30 -32.73 14.80 -14.55
C GLU B 30 -32.22 13.39 -14.22
N GLN B 31 -32.56 12.39 -15.05
CA GLN B 31 -32.14 11.00 -14.81
C GLN B 31 -30.63 10.87 -14.94
N MET B 32 -30.09 11.51 -15.97
CA MET B 32 -28.64 11.54 -16.21
C MET B 32 -27.86 12.05 -14.99
N THR B 33 -28.35 13.14 -14.40
CA THR B 33 -27.72 13.77 -13.24
C THR B 33 -27.89 12.92 -11.98
N ILE B 34 -29.13 12.49 -11.70
CA ILE B 34 -29.40 11.65 -10.53
C ILE B 34 -28.72 10.28 -10.56
N ASP B 35 -28.73 9.64 -11.74
CA ASP B 35 -28.03 8.37 -11.94
C ASP B 35 -26.53 8.51 -11.80
N THR B 36 -25.96 9.59 -12.35
CA THR B 36 -24.52 9.79 -12.25
C THR B 36 -24.13 10.13 -10.80
N ALA B 37 -24.89 11.03 -10.18
CA ALA B 37 -24.67 11.39 -8.80
C ALA B 37 -24.72 10.17 -7.90
N GLY B 38 -25.71 9.30 -8.11
CA GLY B 38 -25.93 8.11 -7.28
C GLY B 38 -24.79 7.09 -7.43
N ARG B 39 -24.37 6.89 -8.66
CA ARG B 39 -23.29 5.98 -8.97
C ARG B 39 -21.99 6.51 -8.36
N LEU B 40 -21.75 7.81 -8.45
CA LEU B 40 -20.56 8.40 -7.82
C LEU B 40 -20.62 8.30 -6.30
N LYS B 41 -21.79 8.51 -5.72
CA LYS B 41 -21.97 8.31 -4.27
C LYS B 41 -21.55 6.92 -3.83
N GLU B 42 -21.95 5.90 -4.58
CA GLU B 42 -21.71 4.51 -4.21
C GLU B 42 -20.23 4.20 -4.33
N ILE B 43 -19.63 4.67 -5.43
CA ILE B 43 -18.18 4.56 -5.67
C ILE B 43 -17.39 5.18 -4.52
N CYS B 44 -17.69 6.43 -4.17
CA CYS B 44 -16.99 7.14 -3.11
C CYS B 44 -17.27 6.62 -1.70
N GLU B 45 -18.51 6.17 -1.47
CA GLU B 45 -18.86 5.48 -0.21
C GLU B 45 -18.00 4.27 0.04
N LYS B 46 -17.86 3.37 -0.95
CA LYS B 46 -17.01 2.19 -0.76
C LYS B 46 -15.57 2.59 -0.43
N LEU B 47 -15.06 3.67 -1.05
CA LEU B 47 -13.68 4.09 -0.83
C LEU B 47 -13.51 5.06 0.32
N ASN B 48 -14.62 5.44 0.95
CA ASN B 48 -14.62 6.47 2.00
C ASN B 48 -13.99 7.78 1.55
N VAL B 49 -14.24 8.16 0.30
CA VAL B 49 -13.82 9.47 -0.24
C VAL B 49 -14.98 10.47 -0.09
N PRO B 50 -14.79 11.57 0.67
CA PRO B 50 -15.83 12.60 0.76
C PRO B 50 -16.09 13.13 -0.63
N PHE B 51 -17.36 13.35 -0.95
CA PHE B 51 -17.78 13.57 -2.31
C PHE B 51 -18.78 14.73 -2.42
N ILE B 52 -18.46 15.68 -3.29
CA ILE B 52 -19.33 16.82 -3.60
C ILE B 52 -19.69 16.71 -5.09
N TYR B 53 -20.98 16.73 -5.41
CA TYR B 53 -21.42 16.61 -6.80
C TYR B 53 -21.36 17.98 -7.49
N LYS B 54 -20.87 17.98 -8.73
CA LYS B 54 -20.89 19.20 -9.58
C LYS B 54 -21.59 18.97 -10.94
N SER B 55 -22.43 19.93 -11.33
CA SER B 55 -22.63 20.22 -12.75
C SER B 55 -22.87 21.72 -12.89
N SER B 56 -22.49 22.25 -14.05
CA SER B 56 -22.83 23.63 -14.40
C SER B 56 -24.23 23.65 -15.05
N TYR B 57 -24.95 24.77 -14.89
CA TYR B 57 -26.35 24.90 -15.38
C TYR B 57 -26.48 25.51 -16.77
N LEU B 71 -30.70 23.76 -20.67
CA LEU B 71 -31.89 23.59 -19.84
C LEU B 71 -32.36 24.88 -19.19
N GLY B 72 -31.41 25.79 -18.92
CA GLY B 72 -31.67 27.01 -18.18
C GLY B 72 -31.15 26.93 -16.76
N MET B 73 -30.77 28.08 -16.21
CA MET B 73 -30.39 28.18 -14.81
C MET B 73 -31.45 27.56 -13.89
N ASP B 74 -32.68 28.06 -13.95
CA ASP B 74 -33.76 27.60 -13.05
C ASP B 74 -33.87 26.06 -12.98
N GLU B 75 -33.94 25.43 -14.15
CA GLU B 75 -34.13 24.00 -14.23
C GLU B 75 -32.84 23.25 -13.87
N GLY B 76 -31.68 23.79 -14.26
CA GLY B 76 -30.42 23.23 -13.80
C GLY B 76 -30.30 23.24 -12.29
N LEU B 77 -30.64 24.38 -11.67
CA LEU B 77 -30.58 24.50 -10.20
C LEU B 77 -31.61 23.62 -9.50
N ARG B 78 -32.79 23.46 -10.10
CA ARG B 78 -33.83 22.57 -9.55
C ARG B 78 -33.32 21.13 -9.53
N ILE B 79 -32.75 20.69 -10.63
CA ILE B 79 -32.15 19.36 -10.70
C ILE B 79 -31.03 19.20 -9.67
N LEU B 80 -30.21 20.25 -9.46
CA LEU B 80 -29.18 20.22 -8.41
C LEU B 80 -29.81 20.13 -7.00
N SER B 81 -31.00 20.73 -6.81
CA SER B 81 -31.72 20.60 -5.54
C SER B 81 -32.09 19.15 -5.31
N GLU B 82 -32.46 18.46 -6.38
CA GLU B 82 -32.90 17.08 -6.31
C GLU B 82 -31.78 16.09 -6.02
N VAL B 83 -30.59 16.33 -6.56
CA VAL B 83 -29.43 15.54 -6.15
C VAL B 83 -29.20 15.68 -4.63
N LYS B 84 -29.24 16.91 -4.16
CA LYS B 84 -29.10 17.20 -2.76
C LYS B 84 -30.19 16.50 -1.95
N ARG B 85 -31.44 16.72 -2.35
CA ARG B 85 -32.55 16.18 -1.58
C ARG B 85 -32.56 14.67 -1.62
N GLN B 86 -32.49 14.10 -2.83
CA GLN B 86 -32.66 12.65 -3.02
C GLN B 86 -31.49 11.81 -2.53
N LEU B 87 -30.27 12.31 -2.70
CA LEU B 87 -29.10 11.54 -2.43
C LEU B 87 -28.39 11.99 -1.16
N GLY B 88 -28.83 13.09 -0.54
CA GLY B 88 -28.14 13.66 0.63
C GLY B 88 -26.73 14.18 0.36
N LEU B 89 -26.42 14.51 -0.88
CA LEU B 89 -25.08 14.93 -1.27
C LEU B 89 -24.93 16.44 -1.25
N PRO B 90 -23.75 16.94 -0.88
CA PRO B 90 -23.51 18.36 -1.11
C PRO B 90 -23.28 18.58 -2.59
N VAL B 91 -23.64 19.78 -3.07
CA VAL B 91 -23.53 20.15 -4.48
C VAL B 91 -22.78 21.47 -4.70
N LEU B 92 -22.07 21.51 -5.82
CA LEU B 92 -21.25 22.63 -6.21
C LEU B 92 -21.59 23.03 -7.63
N THR B 93 -21.64 24.33 -7.89
CA THR B 93 -21.77 24.84 -9.25
C THR B 93 -21.01 26.15 -9.40
N ASP B 94 -20.66 26.46 -10.65
CA ASP B 94 -20.03 27.74 -11.05
C ASP B 94 -21.05 28.85 -11.12
N VAL B 95 -20.69 30.04 -10.67
CA VAL B 95 -21.50 31.22 -10.90
C VAL B 95 -20.74 32.16 -11.83
N HIS B 96 -21.46 32.81 -12.71
CA HIS B 96 -20.88 33.56 -13.82
C HIS B 96 -21.01 35.04 -13.71
N SER B 97 -21.80 35.55 -12.76
CA SER B 97 -22.07 36.97 -12.67
C SER B 97 -22.54 37.30 -11.27
N ILE B 98 -22.41 38.58 -10.89
CA ILE B 98 -22.84 38.99 -9.55
C ILE B 98 -24.34 38.75 -9.36
N ASP B 99 -25.13 39.03 -10.40
CA ASP B 99 -26.61 38.87 -10.25
C ASP B 99 -27.07 37.39 -10.11
N GLU B 100 -26.25 36.43 -10.51
CA GLU B 100 -26.56 34.99 -10.32
C GLU B 100 -26.30 34.49 -8.88
N ILE B 101 -25.46 35.19 -8.13
CA ILE B 101 -24.95 34.69 -6.83
C ILE B 101 -26.03 34.48 -5.77
N GLU B 102 -26.95 35.42 -5.60
CA GLU B 102 -27.98 35.24 -4.56
C GLU B 102 -28.76 33.95 -4.82
N GLN B 103 -29.21 33.76 -6.07
CA GLN B 103 -30.04 32.60 -6.37
C GLN B 103 -29.27 31.29 -6.25
N VAL B 104 -28.03 31.27 -6.72
CA VAL B 104 -27.23 30.05 -6.70
C VAL B 104 -26.88 29.65 -5.27
N ALA B 105 -26.43 30.60 -4.45
CA ALA B 105 -26.09 30.35 -3.04
C ALA B 105 -27.26 29.84 -2.22
N SER B 106 -28.50 30.16 -2.61
CA SER B 106 -29.67 29.62 -1.94
C SER B 106 -29.93 28.15 -2.24
N VAL B 107 -29.32 27.60 -3.27
CA VAL B 107 -29.54 26.21 -3.65
C VAL B 107 -28.32 25.32 -3.32
N VAL B 108 -27.14 25.74 -3.76
CA VAL B 108 -25.96 24.87 -3.67
C VAL B 108 -25.19 25.01 -2.34
N ASP B 109 -24.26 24.09 -2.12
CA ASP B 109 -23.43 24.09 -0.90
C ASP B 109 -22.11 24.83 -1.06
N VAL B 110 -21.59 24.84 -2.29
CA VAL B 110 -20.29 25.45 -2.57
C VAL B 110 -20.39 26.17 -3.90
N LEU B 111 -19.97 27.43 -3.92
CA LEU B 111 -19.84 28.19 -5.17
C LEU B 111 -18.45 27.96 -5.76
N GLN B 112 -18.33 28.12 -7.08
CA GLN B 112 -17.05 28.04 -7.74
C GLN B 112 -17.00 29.21 -8.70
N THR B 113 -15.86 29.88 -8.73
CA THR B 113 -15.70 31.05 -9.60
C THR B 113 -14.92 30.67 -10.85
N PRO B 114 -15.34 31.16 -12.02
CA PRO B 114 -14.62 30.92 -13.28
C PRO B 114 -13.18 31.44 -13.17
N ALA B 115 -12.22 30.71 -13.75
CA ALA B 115 -10.81 31.13 -13.70
C ALA B 115 -10.60 32.52 -14.29
N PHE B 116 -11.27 32.85 -15.40
CA PHE B 116 -11.05 34.17 -16.06
C PHE B 116 -11.45 35.35 -15.15
N LEU B 117 -12.30 35.11 -14.17
CA LEU B 117 -12.81 36.15 -13.27
C LEU B 117 -12.05 36.28 -11.96
N CYS B 118 -10.94 35.56 -11.81
CA CYS B 118 -10.20 35.54 -10.55
C CYS B 118 -9.66 36.90 -10.07
N ARG B 119 -9.53 37.87 -10.98
CA ARG B 119 -9.12 39.21 -10.60
C ARG B 119 -10.28 40.26 -10.59
N GLN B 120 -11.51 39.84 -10.89
CA GLN B 120 -12.64 40.76 -10.89
CA GLN B 120 -12.63 40.78 -10.88
C GLN B 120 -13.08 40.94 -9.42
N THR B 121 -12.55 41.97 -8.75
CA THR B 121 -12.72 42.11 -7.28
C THR B 121 -14.18 42.25 -6.81
N ASP B 122 -14.98 43.06 -7.50
CA ASP B 122 -16.39 43.17 -7.12
C ASP B 122 -17.07 41.78 -7.12
N PHE B 123 -16.74 40.96 -8.11
CA PHE B 123 -17.36 39.66 -8.30
C PHE B 123 -16.87 38.64 -7.28
N ILE B 124 -15.55 38.59 -7.07
CA ILE B 124 -14.96 37.75 -5.99
C ILE B 124 -15.47 38.15 -4.62
N HIS B 125 -15.54 39.47 -4.37
CA HIS B 125 -16.11 39.99 -3.12
C HIS B 125 -17.53 39.56 -2.91
N ALA B 126 -18.32 39.55 -3.98
CA ALA B 126 -19.72 39.16 -3.90
C ALA B 126 -19.90 37.68 -3.55
N CYS B 127 -19.10 36.82 -4.18
CA CYS B 127 -19.06 35.40 -3.81
C CYS B 127 -18.61 35.27 -2.36
N ALA B 128 -17.60 36.05 -1.97
CA ALA B 128 -17.09 35.94 -0.61
C ALA B 128 -18.15 36.27 0.44
N ARG B 129 -19.04 37.22 0.11
CA ARG B 129 -20.11 37.68 1.00
C ARG B 129 -21.37 36.81 0.85
N SER B 130 -21.38 35.83 -0.06
CA SER B 130 -22.60 35.04 -0.34
C SER B 130 -23.16 34.25 0.85
N GLY B 131 -22.31 33.95 1.83
CA GLY B 131 -22.65 33.04 2.94
C GLY B 131 -22.33 31.58 2.65
N LYS B 132 -21.84 31.26 1.46
CA LYS B 132 -21.39 29.91 1.16
C LYS B 132 -19.87 29.91 0.94
N PRO B 133 -19.25 28.76 1.13
CA PRO B 133 -17.84 28.64 0.76
C PRO B 133 -17.65 28.71 -0.75
N VAL B 134 -16.45 29.13 -1.15
CA VAL B 134 -16.08 29.36 -2.55
C VAL B 134 -14.75 28.67 -2.91
N ASN B 135 -14.83 27.84 -3.96
CA ASN B 135 -13.67 27.32 -4.68
C ASN B 135 -13.27 28.31 -5.76
N ILE B 136 -12.19 29.03 -5.52
CA ILE B 136 -11.73 30.11 -6.37
C ILE B 136 -10.75 29.52 -7.37
N LYS B 137 -11.15 29.46 -8.65
CA LYS B 137 -10.22 28.98 -9.65
C LYS B 137 -9.12 29.99 -10.01
N LYS B 138 -7.91 29.49 -10.11
CA LYS B 138 -6.75 30.31 -10.49
C LYS B 138 -6.70 30.53 -11.99
N GLY B 139 -6.68 31.80 -12.40
CA GLY B 139 -6.63 32.12 -13.82
C GLY B 139 -5.39 31.56 -14.48
N GLN B 140 -5.52 31.12 -15.74
CA GLN B 140 -4.42 30.64 -16.60
C GLN B 140 -3.30 31.66 -16.74
N PHE B 141 -3.61 32.92 -16.46
CA PHE B 141 -2.68 34.03 -16.48
C PHE B 141 -1.98 34.32 -15.16
N LEU B 142 -2.40 33.73 -14.05
CA LEU B 142 -1.77 34.03 -12.75
C LEU B 142 -0.54 33.17 -12.50
N ALA B 143 0.40 33.70 -11.72
CA ALA B 143 1.48 32.88 -11.12
C ALA B 143 0.94 32.35 -9.79
N PRO B 144 1.44 31.20 -9.33
CA PRO B 144 0.89 30.61 -8.10
C PRO B 144 0.95 31.53 -6.90
N HIS B 145 2.02 32.29 -6.75
CA HIS B 145 2.09 33.25 -5.65
C HIS B 145 1.01 34.30 -5.69
N ASP B 146 0.41 34.60 -6.85
CA ASP B 146 -0.61 35.64 -6.93
C ASP B 146 -1.91 35.24 -6.24
N MET B 147 -2.08 33.97 -6.02
CA MET B 147 -3.31 33.48 -5.44
C MET B 147 -3.47 33.89 -3.98
N LYS B 148 -2.37 34.17 -3.30
CA LYS B 148 -2.41 34.66 -1.91
C LYS B 148 -3.20 35.95 -1.84
N ASN B 149 -2.91 36.88 -2.74
CA ASN B 149 -3.65 38.14 -2.84
C ASN B 149 -5.16 37.90 -3.16
N VAL B 150 -5.47 36.93 -4.02
CA VAL B 150 -6.83 36.65 -4.38
C VAL B 150 -7.63 36.20 -3.13
N ILE B 151 -7.06 35.23 -2.44
CA ILE B 151 -7.69 34.68 -1.27
C ILE B 151 -7.77 35.73 -0.17
N ASP B 152 -6.72 36.53 0.00
CA ASP B 152 -6.72 37.54 1.07
C ASP B 152 -7.83 38.60 0.89
N LYS B 153 -8.10 38.95 -0.36
CA LYS B 153 -9.10 39.95 -0.70
C LYS B 153 -10.46 39.35 -0.46
N ALA B 154 -10.65 38.08 -0.85
CA ALA B 154 -11.89 37.37 -0.55
C ALA B 154 -12.14 37.30 0.94
N ARG B 155 -11.08 37.13 1.72
CA ARG B 155 -11.24 37.02 3.19
C ARG B 155 -11.56 38.36 3.84
N ASP B 156 -11.01 39.45 3.31
CA ASP B 156 -11.40 40.78 3.77
C ASP B 156 -12.90 41.02 3.55
N ALA B 157 -13.42 40.67 2.37
CA ALA B 157 -14.88 40.80 2.12
C ALA B 157 -15.72 39.94 3.08
N ALA B 158 -15.27 38.70 3.30
CA ALA B 158 -15.95 37.82 4.25
C ALA B 158 -15.97 38.43 5.63
N ARG B 159 -14.80 38.89 6.08
CA ARG B 159 -14.68 39.48 7.42
C ARG B 159 -15.53 40.75 7.55
N GLU B 160 -15.49 41.58 6.52
CA GLU B 160 -16.35 42.76 6.43
C GLU B 160 -17.82 42.38 6.59
N ALA B 161 -18.22 41.24 6.01
CA ALA B 161 -19.62 40.77 6.10
C ALA B 161 -19.98 40.02 7.37
N GLY B 162 -19.03 39.82 8.28
CA GLY B 162 -19.31 39.13 9.53
C GLY B 162 -19.23 37.63 9.37
N LEU B 163 -18.69 37.17 8.25
CA LEU B 163 -18.54 35.74 7.96
C LEU B 163 -17.12 35.29 8.32
N SER B 164 -16.98 34.01 8.66
CA SER B 164 -15.66 33.37 8.87
C SER B 164 -14.79 33.45 7.61
N GLU B 165 -13.47 33.43 7.80
CA GLU B 165 -12.52 33.52 6.70
C GLU B 165 -12.11 32.15 6.13
N ASP B 166 -12.16 31.11 6.93
CA ASP B 166 -11.81 29.75 6.50
CA ASP B 166 -11.79 29.76 6.48
C ASP B 166 -12.95 29.15 5.69
N ARG B 167 -13.21 29.70 4.51
CA ARG B 167 -14.29 29.23 3.63
C ARG B 167 -13.93 29.30 2.14
N PHE B 168 -12.64 29.39 1.84
CA PHE B 168 -12.16 29.47 0.48
C PHE B 168 -11.16 28.38 0.19
N MET B 169 -11.13 27.98 -1.08
CA MET B 169 -10.19 27.01 -1.58
C MET B 169 -9.57 27.62 -2.82
N ALA B 170 -8.33 27.24 -3.09
CA ALA B 170 -7.60 27.72 -4.22
C ALA B 170 -7.52 26.55 -5.20
N CYS B 171 -8.06 26.76 -6.38
CA CYS B 171 -8.18 25.69 -7.37
C CYS B 171 -7.29 25.85 -8.62
N GLU B 172 -6.32 24.95 -8.72
CA GLU B 172 -5.38 24.88 -9.86
C GLU B 172 -6.07 24.27 -11.08
N ARG B 173 -6.01 24.96 -12.23
CA ARG B 173 -6.61 24.41 -13.48
C ARG B 173 -5.74 24.58 -14.73
N GLY B 174 -4.45 24.82 -14.52
CA GLY B 174 -3.47 24.99 -15.59
C GLY B 174 -3.04 26.44 -15.77
N VAL B 175 -1.85 26.62 -16.34
CA VAL B 175 -1.32 27.94 -16.69
C VAL B 175 -0.98 27.93 -18.19
N SER B 176 -1.10 29.08 -18.86
CA SER B 176 -0.86 29.19 -20.28
C SER B 176 0.56 28.75 -20.62
N PHE B 177 0.72 27.96 -21.67
CA PHE B 177 2.02 27.49 -22.10
C PHE B 177 2.13 27.64 -23.63
N GLY B 178 2.71 28.74 -24.08
CA GLY B 178 2.63 29.13 -25.47
C GLY B 178 1.21 29.39 -25.92
N TYR B 179 0.92 29.13 -27.20
CA TYR B 179 -0.46 29.20 -27.72
C TYR B 179 -1.17 27.87 -27.62
N ASN B 180 -2.45 27.91 -27.28
CA ASN B 180 -3.34 26.73 -27.34
C ASN B 180 -2.85 25.51 -26.55
N ASN B 181 -2.27 25.76 -25.38
CA ASN B 181 -1.78 24.69 -24.54
C ASN B 181 -1.74 25.19 -23.12
N LEU B 182 -2.03 24.31 -22.17
CA LEU B 182 -1.85 24.61 -20.77
C LEU B 182 -0.82 23.65 -20.17
N VAL B 183 -0.06 24.09 -19.18
CA VAL B 183 0.79 23.17 -18.43
C VAL B 183 0.39 23.17 -16.94
N SER B 184 0.54 22.02 -16.29
CA SER B 184 0.18 21.83 -14.91
C SER B 184 1.52 21.77 -14.15
N ASP B 185 1.84 22.89 -13.54
CA ASP B 185 3.06 23.06 -12.78
C ASP B 185 2.80 22.58 -11.34
N MET B 186 3.35 21.42 -11.00
CA MET B 186 3.08 20.81 -9.70
C MET B 186 3.63 21.66 -8.57
N ARG B 187 4.63 22.48 -8.87
CA ARG B 187 5.13 23.44 -7.85
C ARG B 187 4.00 24.34 -7.32
N SER B 188 3.06 24.69 -8.20
CA SER B 188 1.91 25.55 -7.85
C SER B 188 1.09 25.00 -6.67
N LEU B 189 0.90 23.68 -6.65
CA LEU B 189 0.15 23.00 -5.61
C LEU B 189 0.84 23.15 -4.24
N ALA B 190 2.18 23.14 -4.22
CA ALA B 190 2.96 23.38 -3.00
C ALA B 190 3.00 24.87 -2.68
N ILE B 191 3.25 25.71 -3.68
CA ILE B 191 3.32 27.17 -3.43
C ILE B 191 2.03 27.70 -2.80
N MET B 192 0.89 27.24 -3.31
CA MET B 192 -0.41 27.82 -2.90
C MET B 192 -0.82 27.41 -1.49
N ARG B 193 -0.07 26.51 -0.87
CA ARG B 193 -0.23 26.25 0.55
C ARG B 193 -0.03 27.50 1.34
N GLU B 194 0.77 28.42 0.82
CA GLU B 194 0.98 29.71 1.52
C GLU B 194 -0.31 30.53 1.70
N THR B 195 -1.39 30.16 0.98
CA THR B 195 -2.69 30.84 1.09
C THR B 195 -3.38 30.49 2.39
N ASN B 196 -2.98 29.36 2.99
CA ASN B 196 -3.60 28.85 4.19
C ASN B 196 -5.04 28.49 3.86
N ALA B 197 -5.26 28.09 2.61
CA ALA B 197 -6.53 27.58 2.14
C ALA B 197 -6.29 26.19 1.54
N PRO B 198 -7.31 25.32 1.59
CA PRO B 198 -7.16 24.04 0.92
C PRO B 198 -6.91 24.23 -0.57
N VAL B 199 -5.98 23.44 -1.11
CA VAL B 199 -5.66 23.49 -2.51
C VAL B 199 -6.37 22.34 -3.23
N VAL B 200 -7.09 22.71 -4.28
CA VAL B 200 -7.88 21.78 -5.10
C VAL B 200 -7.26 21.71 -6.52
N PHE B 201 -7.16 20.51 -7.09
CA PHE B 201 -6.65 20.29 -8.44
C PHE B 201 -7.75 19.89 -9.39
N ASP B 202 -7.90 20.66 -10.45
CA ASP B 202 -8.86 20.41 -11.51
C ASP B 202 -8.16 19.63 -12.62
N ALA B 203 -8.34 18.32 -12.63
CA ALA B 203 -7.64 17.44 -13.52
C ALA B 203 -8.21 17.47 -14.94
N THR B 204 -9.50 17.73 -15.09
CA THR B 204 -10.13 17.72 -16.40
C THR B 204 -9.76 18.96 -17.24
N HIS B 205 -9.75 20.13 -16.59
CA HIS B 205 -9.48 21.38 -17.31
C HIS B 205 -8.01 21.61 -17.53
N SER B 206 -7.17 20.99 -16.71
CA SER B 206 -5.70 21.15 -16.81
C SER B 206 -5.11 20.48 -18.05
N VAL B 207 -5.86 19.57 -18.67
CA VAL B 207 -5.41 18.86 -19.89
C VAL B 207 -5.96 19.52 -21.16
N GLN B 208 -6.91 20.44 -21.00
CA GLN B 208 -7.62 21.02 -22.16
C GLN B 208 -6.71 21.94 -22.94
N LEU B 209 -6.78 21.81 -24.26
CA LEU B 209 -6.05 22.71 -25.13
C LEU B 209 -6.97 23.91 -25.48
N PRO B 210 -6.66 25.12 -24.96
CA PRO B 210 -7.52 26.31 -25.21
C PRO B 210 -7.72 26.68 -26.66
N GLY B 211 -8.78 27.45 -26.91
CA GLY B 211 -9.03 28.04 -28.23
C GLY B 211 -9.72 27.12 -29.22
N GLY B 219 -9.37 15.02 -28.29
CA GLY B 219 -9.48 14.73 -26.88
C GLY B 219 -8.14 14.51 -26.21
N GLN B 220 -8.05 14.97 -24.96
CA GLN B 220 -6.84 14.82 -24.15
C GLN B 220 -7.10 13.97 -22.90
N ARG B 221 -8.14 13.13 -22.98
CA ARG B 221 -8.55 12.29 -21.86
C ARG B 221 -7.40 11.49 -21.25
N GLU B 222 -6.51 11.02 -22.11
CA GLU B 222 -5.44 10.15 -21.69
C GLU B 222 -4.62 10.80 -20.58
N PHE B 223 -4.57 12.14 -20.55
CA PHE B 223 -3.76 12.81 -19.55
C PHE B 223 -4.44 13.13 -18.25
N VAL B 224 -5.74 12.85 -18.16
CA VAL B 224 -6.45 13.12 -16.91
C VAL B 224 -5.95 12.23 -15.75
N PRO B 225 -5.85 10.91 -15.97
CA PRO B 225 -5.30 10.08 -14.91
C PRO B 225 -3.87 10.43 -14.59
N VAL B 226 -3.10 10.85 -15.59
CA VAL B 226 -1.72 11.22 -15.41
C VAL B 226 -1.61 12.40 -14.42
N LEU B 227 -2.30 13.49 -14.71
CA LEU B 227 -2.19 14.67 -13.85
C LEU B 227 -2.85 14.41 -12.49
N ALA B 228 -3.94 13.65 -12.46
CA ALA B 228 -4.57 13.28 -11.17
C ALA B 228 -3.61 12.56 -10.24
N ARG B 229 -2.92 11.55 -10.75
CA ARG B 229 -1.93 10.80 -9.97
C ARG B 229 -0.83 11.74 -9.49
N ALA B 230 -0.34 12.57 -10.42
CA ALA B 230 0.78 13.46 -10.14
C ALA B 230 0.41 14.46 -9.05
N ALA B 231 -0.79 15.02 -9.17
CA ALA B 231 -1.30 16.02 -8.21
C ALA B 231 -1.53 15.47 -6.82
N VAL B 232 -2.20 14.32 -6.72
CA VAL B 232 -2.48 13.70 -5.41
C VAL B 232 -1.15 13.35 -4.75
N ALA B 233 -0.19 12.86 -5.53
CA ALA B 233 1.12 12.54 -4.97
C ALA B 233 1.86 13.79 -4.52
N THR B 234 1.70 14.88 -5.25
CA THR B 234 2.25 16.17 -4.82
C THR B 234 1.65 16.57 -3.51
N GLY B 235 0.35 16.32 -3.33
CA GLY B 235 -0.29 16.69 -2.06
C GLY B 235 -1.31 17.81 -2.22
N VAL B 236 -2.59 17.44 -2.26
CA VAL B 236 -3.71 18.38 -2.40
C VAL B 236 -4.83 18.06 -1.38
N ALA B 237 -5.70 19.02 -1.17
CA ALA B 237 -6.86 18.84 -0.31
C ALA B 237 -8.02 18.22 -1.09
N GLY B 238 -8.11 18.49 -2.37
CA GLY B 238 -9.25 18.06 -3.18
C GLY B 238 -8.92 17.86 -4.66
N LEU B 239 -9.76 17.11 -5.35
CA LEU B 239 -9.55 16.82 -6.74
C LEU B 239 -10.87 17.05 -7.45
N PHE B 240 -10.84 17.79 -8.55
CA PHE B 240 -12.00 17.89 -9.39
C PHE B 240 -11.83 17.13 -10.70
N MET B 241 -12.81 16.28 -11.02
CA MET B 241 -12.78 15.53 -12.28
C MET B 241 -14.18 15.44 -12.88
N GLU B 242 -14.30 15.68 -14.18
CA GLU B 242 -15.55 15.40 -14.89
C GLU B 242 -15.62 13.94 -15.35
N THR B 243 -16.84 13.41 -15.35
CA THR B 243 -17.12 12.04 -15.77
C THR B 243 -18.42 11.95 -16.60
N HIS B 244 -18.65 10.81 -17.24
CA HIS B 244 -19.87 10.54 -17.98
C HIS B 244 -19.99 9.05 -18.21
N PRO B 245 -21.21 8.51 -18.26
CA PRO B 245 -21.37 7.05 -18.51
C PRO B 245 -20.89 6.56 -19.88
N ASN B 246 -21.27 7.26 -20.96
CA ASN B 246 -20.71 7.08 -22.30
C ASN B 246 -20.28 8.46 -22.85
N PRO B 247 -19.03 8.91 -22.55
CA PRO B 247 -18.46 10.22 -22.96
C PRO B 247 -18.56 10.61 -24.44
N ALA B 248 -18.55 9.61 -25.34
CA ALA B 248 -18.81 9.82 -26.78
C ALA B 248 -20.20 10.47 -27.00
N GLU B 249 -21.17 10.10 -26.15
CA GLU B 249 -22.54 10.63 -26.25
C GLU B 249 -22.83 11.84 -25.34
N ALA B 250 -21.80 12.42 -24.72
CA ALA B 250 -21.93 13.58 -23.81
C ALA B 250 -22.30 14.89 -24.51
N LYS B 251 -23.24 15.65 -23.92
CA LYS B 251 -23.67 16.94 -24.47
C LYS B 251 -22.58 18.04 -24.39
N SER B 252 -21.61 17.91 -23.47
CA SER B 252 -20.59 18.95 -23.31
C SER B 252 -19.22 18.40 -22.91
N ASP B 253 -18.17 18.96 -23.52
CA ASP B 253 -16.76 18.63 -23.24
C ASP B 253 -16.47 17.12 -23.06
N GLY B 254 -17.14 16.29 -23.86
CA GLY B 254 -17.04 14.84 -23.74
C GLY B 254 -15.63 14.26 -23.83
N PRO B 255 -14.77 14.84 -24.69
CA PRO B 255 -13.56 14.09 -24.98
C PRO B 255 -12.57 14.10 -23.81
N ASN B 256 -12.79 14.92 -22.79
CA ASN B 256 -11.91 14.93 -21.63
C ASN B 256 -12.55 14.34 -20.36
N ALA B 257 -13.72 13.74 -20.49
CA ALA B 257 -14.37 13.14 -19.31
C ALA B 257 -13.82 11.74 -19.11
N VAL B 258 -13.66 11.33 -17.86
CA VAL B 258 -13.31 9.94 -17.53
C VAL B 258 -14.61 9.12 -17.54
N PRO B 259 -14.62 7.97 -18.25
CA PRO B 259 -15.84 7.22 -18.22
C PRO B 259 -16.16 6.78 -16.79
N LEU B 260 -17.44 6.85 -16.46
CA LEU B 260 -17.92 6.52 -15.12
C LEU B 260 -17.46 5.13 -14.64
N ASN B 261 -17.43 4.16 -15.55
CA ASN B 261 -17.05 2.79 -15.22
C ASN B 261 -15.55 2.59 -14.97
N ARG B 262 -14.79 3.68 -15.03
CA ARG B 262 -13.35 3.64 -14.73
C ARG B 262 -13.02 4.53 -13.53
N MET B 263 -13.98 5.32 -13.04
CA MET B 263 -13.76 6.20 -11.87
C MET B 263 -13.37 5.41 -10.59
N GLY B 264 -14.00 4.25 -10.39
CA GLY B 264 -13.70 3.44 -9.21
C GLY B 264 -12.25 3.01 -9.12
N ALA B 265 -11.74 2.47 -10.22
CA ALA B 265 -10.35 2.04 -10.32
C ALA B 265 -9.36 3.20 -10.15
N LEU B 266 -9.68 4.34 -10.77
CA LEU B 266 -8.82 5.52 -10.65
C LEU B 266 -8.80 5.99 -9.21
N LEU B 267 -9.98 6.14 -8.59
CA LEU B 267 -10.05 6.65 -7.21
C LEU B 267 -9.35 5.75 -6.22
N GLU B 268 -9.41 4.45 -6.48
CA GLU B 268 -8.75 3.47 -5.63
C GLU B 268 -7.23 3.72 -5.68
N THR B 269 -6.70 3.98 -6.88
CA THR B 269 -5.26 4.31 -7.00
C THR B 269 -4.93 5.63 -6.29
N LEU B 270 -5.80 6.66 -6.47
CA LEU B 270 -5.53 7.96 -5.88
C LEU B 270 -5.59 7.91 -4.35
N VAL B 271 -6.51 7.13 -3.79
CA VAL B 271 -6.58 6.94 -2.34
C VAL B 271 -5.27 6.34 -1.86
N THR B 272 -4.75 5.37 -2.57
CA THR B 272 -3.49 4.81 -2.16
C THR B 272 -2.36 5.84 -2.17
N LEU B 273 -2.30 6.69 -3.21
CA LEU B 273 -1.26 7.73 -3.28
C LEU B 273 -1.43 8.77 -2.18
N ASP B 274 -2.67 9.20 -1.98
CA ASP B 274 -3.01 10.19 -0.95
C ASP B 274 -2.56 9.74 0.47
N GLN B 275 -2.91 8.51 0.84
CA GLN B 275 -2.46 7.94 2.13
C GLN B 275 -0.94 7.88 2.22
N ALA B 276 -0.28 7.48 1.12
CA ALA B 276 1.19 7.32 1.13
C ALA B 276 1.91 8.62 1.42
N VAL B 277 1.46 9.71 0.80
CA VAL B 277 2.11 11.01 0.94
C VAL B 277 1.68 11.80 2.19
N LYS B 278 0.51 11.50 2.75
CA LYS B 278 0.06 12.20 3.97
C LYS B 278 0.39 11.46 5.26
N ARG B 279 0.84 10.23 5.15
CA ARG B 279 1.09 9.46 6.37
C ARG B 279 2.29 9.94 7.16
N ASN B 280 3.20 10.61 6.47
CA ASN B 280 4.36 11.27 7.04
C ASN B 280 4.34 12.70 6.56
N PRO B 281 5.09 13.58 7.24
CA PRO B 281 5.11 14.97 6.81
C PRO B 281 5.74 15.09 5.42
N PHE B 282 5.38 16.13 4.70
CA PHE B 282 5.90 16.35 3.35
C PHE B 282 7.33 16.79 3.52
N LEU B 283 8.25 16.20 2.77
CA LEU B 283 9.65 16.55 2.94
C LEU B 283 9.94 18.04 2.70
N GLU B 284 9.29 18.65 1.71
CA GLU B 284 9.51 20.07 1.41
C GLU B 284 9.31 21.03 2.61
N ASN B 285 8.48 20.63 3.56
CA ASN B 285 8.30 21.38 4.82
C ASN B 285 9.51 21.39 5.73
N ASP B 286 10.36 20.38 5.61
CA ASP B 286 11.64 20.38 6.32
C ASP B 286 12.69 21.19 5.53
N PHE B 287 12.31 21.71 4.35
CA PHE B 287 13.14 22.65 3.58
C PHE B 287 12.45 24.02 3.52
N SER C 4 18.20 -6.08 10.94
CA SER C 4 18.25 -6.84 9.64
C SER C 4 19.44 -7.82 9.61
N MET C 5 19.29 -8.91 8.86
CA MET C 5 20.35 -9.86 8.54
C MET C 5 20.65 -9.78 7.03
N LYS C 6 21.92 -9.94 6.63
CA LYS C 6 22.28 -9.96 5.21
C LYS C 6 22.05 -11.38 4.69
N LEU C 7 21.29 -11.51 3.61
CA LEU C 7 21.00 -12.86 3.06
C LEU C 7 21.11 -12.83 1.56
N CYS C 8 21.99 -13.65 1.04
CA CYS C 8 22.26 -13.66 -0.39
C CYS C 8 22.58 -12.20 -0.83
N ASP C 9 21.89 -11.59 -1.78
CA ASP C 9 22.29 -10.22 -2.16
C ASP C 9 21.45 -9.11 -1.51
N PHE C 10 20.69 -9.41 -0.45
CA PHE C 10 19.70 -8.47 0.10
C PHE C 10 19.63 -8.51 1.63
N GLU C 11 18.73 -7.72 2.21
CA GLU C 11 18.63 -7.60 3.64
C GLU C 11 17.22 -8.05 4.07
N VAL C 12 17.18 -8.94 5.06
CA VAL C 12 15.92 -9.53 5.48
C VAL C 12 15.70 -9.28 6.95
N GLY C 13 14.47 -9.40 7.40
CA GLY C 13 14.17 -9.11 8.79
C GLY C 13 12.77 -8.61 8.97
N LEU C 14 12.41 -8.47 10.24
CA LEU C 14 11.05 -8.16 10.58
C LEU C 14 10.68 -6.73 10.11
N ASP C 15 11.63 -5.80 10.10
CA ASP C 15 11.43 -4.46 9.55
C ASP C 15 11.60 -4.30 8.00
N GLN C 16 12.02 -5.33 7.29
CA GLN C 16 12.26 -5.31 5.83
C GLN C 16 11.10 -5.90 5.08
N PRO C 17 10.90 -5.52 3.78
CA PRO C 17 9.95 -6.24 2.94
C PRO C 17 10.23 -7.76 3.00
N PHE C 18 9.19 -8.58 2.97
CA PHE C 18 9.36 -10.03 3.14
C PHE C 18 10.05 -10.58 1.89
N PHE C 19 10.83 -11.64 2.07
CA PHE C 19 11.38 -12.38 0.97
C PHE C 19 10.67 -13.71 0.77
N LEU C 20 10.78 -14.24 -0.43
CA LEU C 20 10.17 -15.48 -0.81
C LEU C 20 11.18 -16.57 -1.08
N ILE C 21 10.95 -17.75 -0.48
CA ILE C 21 11.66 -18.97 -0.80
C ILE C 21 10.61 -19.83 -1.51
N ALA C 22 10.84 -20.21 -2.74
CA ALA C 22 9.84 -20.96 -3.51
C ALA C 22 10.44 -21.82 -4.62
N GLY C 23 9.78 -22.92 -4.95
CA GLY C 23 10.12 -23.75 -6.11
C GLY C 23 9.29 -25.02 -6.05
N THR C 24 9.65 -25.99 -6.89
CA THR C 24 8.97 -27.27 -6.87
C THR C 24 9.49 -28.01 -5.66
N CYS C 25 8.62 -28.82 -5.07
CA CYS C 25 8.97 -29.65 -3.91
C CYS C 25 10.29 -30.44 -4.11
N VAL C 26 10.38 -31.20 -5.19
CA VAL C 26 11.57 -31.99 -5.48
C VAL C 26 12.11 -31.57 -6.83
N VAL C 27 13.41 -31.78 -7.04
CA VAL C 27 13.96 -31.57 -8.39
C VAL C 27 13.43 -32.67 -9.33
N GLU C 28 12.57 -32.29 -10.27
CA GLU C 28 11.93 -33.25 -11.18
C GLU C 28 12.77 -33.47 -12.44
N SER C 29 13.26 -32.39 -13.03
CA SER C 29 14.11 -32.45 -14.20
C SER C 29 14.78 -31.10 -14.35
N GLU C 30 15.79 -31.02 -15.19
CA GLU C 30 16.50 -29.76 -15.36
C GLU C 30 15.56 -28.71 -15.96
N GLN C 31 14.76 -29.09 -16.95
CA GLN C 31 13.88 -28.11 -17.63
C GLN C 31 12.75 -27.63 -16.70
N MET C 32 12.14 -28.55 -15.94
CA MET C 32 11.10 -28.13 -14.99
C MET C 32 11.63 -27.14 -13.96
N THR C 33 12.86 -27.39 -13.48
CA THR C 33 13.50 -26.53 -12.47
C THR C 33 13.82 -25.15 -13.05
N ILE C 34 14.44 -25.13 -14.23
CA ILE C 34 14.89 -23.89 -14.86
C ILE C 34 13.71 -23.00 -15.25
N ASP C 35 12.65 -23.61 -15.77
CA ASP C 35 11.46 -22.86 -16.19
C ASP C 35 10.68 -22.31 -15.00
N THR C 36 10.57 -23.12 -13.96
CA THR C 36 9.83 -22.70 -12.79
C THR C 36 10.60 -21.57 -12.11
N ALA C 37 11.91 -21.76 -11.94
CA ALA C 37 12.81 -20.76 -11.40
C ALA C 37 12.72 -19.44 -12.16
N GLY C 38 12.75 -19.53 -13.49
CA GLY C 38 12.69 -18.38 -14.39
C GLY C 38 11.40 -17.60 -14.31
N ARG C 39 10.28 -18.32 -14.28
CA ARG C 39 8.95 -17.72 -14.05
C ARG C 39 8.86 -17.02 -12.70
N LEU C 40 9.29 -17.68 -11.63
CA LEU C 40 9.26 -17.06 -10.31
C LEU C 40 10.14 -15.81 -10.30
N LYS C 41 11.31 -15.90 -10.94
CA LYS C 41 12.24 -14.76 -11.02
C LYS C 41 11.53 -13.52 -11.56
N GLU C 42 10.83 -13.67 -12.69
CA GLU C 42 10.20 -12.53 -13.35
C GLU C 42 9.02 -11.97 -12.55
N ILE C 43 8.22 -12.85 -11.94
CA ILE C 43 7.11 -12.41 -11.06
C ILE C 43 7.66 -11.59 -9.89
N CYS C 44 8.67 -12.11 -9.18
CA CYS C 44 9.20 -11.43 -7.99
C CYS C 44 9.98 -10.13 -8.31
N GLU C 45 10.67 -10.12 -9.46
CA GLU C 45 11.32 -8.90 -9.96
C GLU C 45 10.31 -7.76 -10.09
N LYS C 46 9.19 -8.04 -10.75
CA LYS C 46 8.19 -7.01 -10.95
C LYS C 46 7.62 -6.52 -9.60
N LEU C 47 7.35 -7.46 -8.69
CA LEU C 47 6.78 -7.08 -7.41
C LEU C 47 7.81 -6.63 -6.41
N ASN C 48 9.09 -6.67 -6.77
CA ASN C 48 10.17 -6.31 -5.84
C ASN C 48 10.18 -7.19 -4.58
N VAL C 49 9.95 -8.47 -4.76
CA VAL C 49 10.06 -9.42 -3.63
C VAL C 49 11.41 -10.11 -3.76
N PRO C 50 12.33 -9.91 -2.79
CA PRO C 50 13.55 -10.70 -2.86
C PRO C 50 13.27 -12.19 -2.90
N PHE C 51 14.05 -12.92 -3.68
CA PHE C 51 13.65 -14.29 -4.03
C PHE C 51 14.80 -15.31 -4.00
N ILE C 52 14.58 -16.42 -3.31
CA ILE C 52 15.49 -17.56 -3.31
C ILE C 52 14.78 -18.82 -3.86
N TYR C 53 15.41 -19.52 -4.81
CA TYR C 53 14.80 -20.69 -5.42
C TYR C 53 15.08 -21.87 -4.54
N LYS C 54 14.06 -22.71 -4.34
CA LYS C 54 14.28 -23.95 -3.65
C LYS C 54 13.69 -25.20 -4.33
N SER C 55 14.48 -26.27 -4.29
CA SER C 55 14.00 -27.65 -4.43
C SER C 55 14.85 -28.62 -3.62
N SER C 56 14.22 -29.69 -3.16
CA SER C 56 14.93 -30.79 -2.49
C SER C 56 15.49 -31.80 -3.49
N TYR C 57 16.67 -32.38 -3.20
CA TYR C 57 17.27 -33.46 -4.02
C TYR C 57 16.89 -34.89 -3.54
N LEU C 71 16.00 -37.92 -8.27
CA LEU C 71 17.03 -38.06 -9.29
C LEU C 71 18.39 -38.44 -8.68
N GLY C 72 18.51 -38.22 -7.37
CA GLY C 72 19.76 -38.44 -6.64
C GLY C 72 20.35 -37.12 -6.15
N MET C 73 21.19 -37.20 -5.13
CA MET C 73 21.78 -36.01 -4.56
C MET C 73 22.67 -35.30 -5.59
N ASP C 74 23.60 -36.04 -6.21
CA ASP C 74 24.49 -35.48 -7.21
C ASP C 74 23.73 -34.76 -8.32
N GLU C 75 22.68 -35.40 -8.81
CA GLU C 75 21.95 -34.85 -9.95
C GLU C 75 21.06 -33.68 -9.53
N GLY C 76 20.48 -33.80 -8.34
CA GLY C 76 19.76 -32.70 -7.76
C GLY C 76 20.60 -31.46 -7.56
N LEU C 77 21.77 -31.62 -6.94
CA LEU C 77 22.64 -30.48 -6.74
C LEU C 77 23.18 -29.94 -8.10
N ARG C 78 23.47 -30.82 -9.03
CA ARG C 78 23.90 -30.35 -10.35
C ARG C 78 22.87 -29.36 -10.91
N ILE C 79 21.60 -29.75 -10.86
CA ILE C 79 20.52 -28.95 -11.43
C ILE C 79 20.36 -27.64 -10.66
N LEU C 80 20.45 -27.68 -9.34
CA LEU C 80 20.44 -26.44 -8.56
C LEU C 80 21.65 -25.58 -8.95
N SER C 81 22.80 -26.20 -9.23
CA SER C 81 23.93 -25.43 -9.76
C SER C 81 23.58 -24.77 -11.11
N GLU C 82 22.77 -25.43 -11.92
CA GLU C 82 22.40 -24.85 -13.20
C GLU C 82 21.47 -23.65 -13.02
N VAL C 83 20.54 -23.71 -12.08
CA VAL C 83 19.71 -22.53 -11.74
C VAL C 83 20.55 -21.29 -11.43
N LYS C 84 21.61 -21.47 -10.64
CA LYS C 84 22.55 -20.38 -10.33
C LYS C 84 23.27 -19.93 -11.60
N ARG C 85 23.83 -20.90 -12.31
CA ARG C 85 24.64 -20.61 -13.48
C ARG C 85 23.80 -19.83 -14.49
N GLN C 86 22.66 -20.41 -14.83
CA GLN C 86 21.87 -19.92 -15.96
C GLN C 86 21.01 -18.74 -15.60
N LEU C 87 20.57 -18.61 -14.36
CA LEU C 87 19.63 -17.54 -14.01
C LEU C 87 20.20 -16.57 -12.98
N GLY C 88 21.36 -16.88 -12.41
CA GLY C 88 21.97 -16.00 -11.45
C GLY C 88 21.17 -15.88 -10.18
N LEU C 89 20.26 -16.82 -9.91
CA LEU C 89 19.44 -16.82 -8.68
C LEU C 89 20.17 -17.49 -7.52
N PRO C 90 19.94 -17.00 -6.28
CA PRO C 90 20.41 -17.79 -5.13
C PRO C 90 19.53 -18.99 -4.92
N VAL C 91 20.07 -20.08 -4.36
CA VAL C 91 19.32 -21.32 -4.23
C VAL C 91 19.45 -21.88 -2.81
N LEU C 92 18.40 -22.55 -2.36
CA LEU C 92 18.34 -23.08 -1.02
C LEU C 92 17.94 -24.54 -1.18
N THR C 93 18.48 -25.43 -0.36
CA THR C 93 18.03 -26.84 -0.34
C THR C 93 18.14 -27.37 1.08
N ASP C 94 17.37 -28.41 1.40
CA ASP C 94 17.50 -29.01 2.71
C ASP C 94 18.55 -30.12 2.70
N VAL C 95 19.24 -30.31 3.83
CA VAL C 95 20.28 -31.31 3.97
C VAL C 95 19.82 -32.30 5.04
N HIS C 96 20.18 -33.59 4.89
CA HIS C 96 19.59 -34.64 5.72
C HIS C 96 20.48 -35.33 6.68
N SER C 97 21.80 -35.14 6.55
CA SER C 97 22.77 -35.78 7.44
C SER C 97 24.06 -34.99 7.50
N ILE C 98 24.86 -35.19 8.54
CA ILE C 98 26.13 -34.47 8.65
C ILE C 98 27.01 -34.73 7.43
N ASP C 99 27.01 -35.95 6.92
CA ASP C 99 27.94 -36.32 5.85
C ASP C 99 27.62 -35.65 4.50
N GLU C 100 26.38 -35.16 4.33
CA GLU C 100 25.96 -34.43 3.13
C GLU C 100 26.28 -32.93 3.12
N ILE C 101 26.66 -32.36 4.27
CA ILE C 101 26.75 -30.90 4.42
C ILE C 101 27.86 -30.31 3.54
N GLU C 102 29.05 -30.89 3.58
CA GLU C 102 30.16 -30.33 2.83
C GLU C 102 29.85 -30.17 1.34
N GLN C 103 29.27 -31.21 0.75
CA GLN C 103 28.95 -31.19 -0.67
C GLN C 103 27.83 -30.18 -0.97
N VAL C 104 26.73 -30.26 -0.24
CA VAL C 104 25.58 -29.38 -0.45
C VAL C 104 25.99 -27.94 -0.27
N ALA C 105 26.76 -27.66 0.78
CA ALA C 105 27.21 -26.28 1.06
C ALA C 105 28.13 -25.77 -0.01
N SER C 106 28.82 -26.66 -0.73
CA SER C 106 29.69 -26.26 -1.84
C SER C 106 28.90 -25.78 -3.06
N VAL C 107 27.61 -26.08 -3.13
CA VAL C 107 26.80 -25.74 -4.30
C VAL C 107 25.76 -24.64 -4.02
N VAL C 108 24.99 -24.79 -2.93
CA VAL C 108 23.86 -23.90 -2.62
C VAL C 108 24.27 -22.65 -1.83
N ASP C 109 23.38 -21.66 -1.81
CA ASP C 109 23.59 -20.43 -1.08
C ASP C 109 23.03 -20.46 0.36
N VAL C 110 22.00 -21.28 0.59
CA VAL C 110 21.36 -21.37 1.90
C VAL C 110 21.05 -22.83 2.23
N LEU C 111 21.43 -23.28 3.42
CA LEU C 111 20.98 -24.59 3.86
C LEU C 111 19.66 -24.50 4.62
N GLN C 112 18.92 -25.60 4.62
CA GLN C 112 17.72 -25.75 5.46
C GLN C 112 17.76 -27.08 6.20
N THR C 113 17.42 -27.03 7.50
CA THR C 113 17.41 -28.22 8.36
C THR C 113 16.01 -28.80 8.42
N PRO C 114 15.83 -30.12 8.22
CA PRO C 114 14.52 -30.74 8.39
C PRO C 114 13.92 -30.52 9.78
N ALA C 115 12.60 -30.34 9.86
CA ALA C 115 11.96 -30.04 11.14
C ALA C 115 12.22 -31.10 12.22
N PHE C 116 12.18 -32.37 11.84
CA PHE C 116 12.35 -33.48 12.81
C PHE C 116 13.78 -33.53 13.40
N LEU C 117 14.74 -32.92 12.72
CA LEU C 117 16.14 -32.88 13.19
C LEU C 117 16.48 -31.65 14.05
N CYS C 118 15.48 -30.83 14.42
CA CYS C 118 15.77 -29.56 15.09
C CYS C 118 16.46 -29.72 16.43
N ARG C 119 16.35 -30.89 17.07
CA ARG C 119 17.00 -31.13 18.36
C ARG C 119 18.24 -31.99 18.23
N GLN C 120 18.66 -32.30 16.99
CA GLN C 120 19.86 -33.16 16.79
C GLN C 120 21.05 -32.23 16.81
N THR C 121 21.59 -31.93 17.98
CA THR C 121 22.52 -30.80 18.08
C THR C 121 23.81 -30.98 17.25
N ASP C 122 24.32 -32.20 17.11
CA ASP C 122 25.49 -32.42 16.29
C ASP C 122 25.22 -32.04 14.81
N PHE C 123 24.02 -32.35 14.33
CA PHE C 123 23.63 -32.03 12.96
C PHE C 123 23.37 -30.54 12.84
N ILE C 124 22.63 -29.97 13.77
CA ILE C 124 22.39 -28.51 13.73
C ILE C 124 23.72 -27.73 13.79
N HIS C 125 24.59 -28.18 14.68
CA HIS C 125 25.95 -27.65 14.80
C HIS C 125 26.75 -27.69 13.49
N ALA C 126 26.72 -28.82 12.79
CA ALA C 126 27.48 -28.98 11.56
C ALA C 126 26.99 -28.06 10.46
N CYS C 127 25.66 -27.93 10.36
CA CYS C 127 25.08 -26.94 9.44
C CYS C 127 25.51 -25.51 9.80
N ALA C 128 25.48 -25.18 11.08
CA ALA C 128 25.78 -23.82 11.59
C ALA C 128 27.25 -23.44 11.35
N ARG C 129 28.13 -24.43 11.27
CA ARG C 129 29.55 -24.14 10.95
CA ARG C 129 29.57 -24.24 10.96
C ARG C 129 29.92 -24.41 9.48
N SER C 130 28.91 -24.62 8.64
CA SER C 130 29.18 -24.98 7.24
C SER C 130 29.81 -23.85 6.41
N GLY C 131 29.63 -22.61 6.85
CA GLY C 131 29.98 -21.44 6.08
C GLY C 131 28.83 -20.80 5.33
N LYS C 132 27.66 -21.44 5.35
CA LYS C 132 26.47 -20.89 4.70
C LYS C 132 25.40 -20.56 5.75
N PRO C 133 24.51 -19.62 5.44
CA PRO C 133 23.37 -19.39 6.33
C PRO C 133 22.40 -20.58 6.31
N VAL C 134 21.58 -20.67 7.35
CA VAL C 134 20.74 -21.82 7.55
C VAL C 134 19.33 -21.39 7.98
N ASN C 135 18.35 -21.86 7.22
CA ASN C 135 16.94 -21.77 7.60
C ASN C 135 16.65 -23.00 8.50
N ILE C 136 16.48 -22.79 9.79
CA ILE C 136 16.25 -23.89 10.75
C ILE C 136 14.75 -24.09 11.00
N LYS C 137 14.21 -25.21 10.53
CA LYS C 137 12.79 -25.53 10.73
C LYS C 137 12.49 -25.95 12.16
N LYS C 138 11.40 -25.41 12.70
CA LYS C 138 10.86 -25.72 14.02
C LYS C 138 10.14 -27.06 13.94
N GLY C 139 10.59 -28.04 14.72
CA GLY C 139 9.89 -29.33 14.81
C GLY C 139 8.43 -29.17 15.23
N GLN C 140 7.58 -30.06 14.71
CA GLN C 140 6.16 -30.10 14.97
C GLN C 140 5.89 -30.34 16.47
N PHE C 141 6.94 -30.83 17.13
CA PHE C 141 6.91 -31.15 18.55
C PHE C 141 7.42 -30.05 19.48
N LEU C 142 7.95 -28.95 18.94
CA LEU C 142 8.51 -27.87 19.78
C LEU C 142 7.47 -26.83 20.08
N ALA C 143 7.65 -26.19 21.24
CA ALA C 143 6.91 -25.01 21.59
C ALA C 143 7.71 -23.84 21.03
N PRO C 144 7.03 -22.72 20.71
CA PRO C 144 7.74 -21.61 20.08
C PRO C 144 8.90 -21.07 20.89
N HIS C 145 8.75 -21.00 22.21
CA HIS C 145 9.87 -20.55 23.03
CA HIS C 145 9.84 -20.54 23.06
C HIS C 145 11.08 -21.44 22.98
N ASP C 146 10.91 -22.71 22.58
CA ASP C 146 12.07 -23.59 22.48
C ASP C 146 13.05 -23.24 21.35
N MET C 147 12.59 -22.52 20.35
CA MET C 147 13.47 -22.21 19.21
C MET C 147 14.62 -21.31 19.59
N LYS C 148 14.49 -20.54 20.66
CA LYS C 148 15.59 -19.68 21.07
C LYS C 148 16.83 -20.50 21.42
N ASN C 149 16.62 -21.60 22.13
CA ASN C 149 17.72 -22.50 22.50
C ASN C 149 18.37 -23.14 21.29
N VAL C 150 17.55 -23.53 20.31
CA VAL C 150 18.09 -24.06 19.07
C VAL C 150 18.99 -23.01 18.38
N ILE C 151 18.45 -21.82 18.21
CA ILE C 151 19.21 -20.77 17.50
C ILE C 151 20.48 -20.40 18.32
N ASP C 152 20.37 -20.34 19.64
CA ASP C 152 21.50 -19.97 20.50
C ASP C 152 22.62 -20.98 20.38
N LYS C 153 22.26 -22.24 20.26
CA LYS C 153 23.24 -23.32 20.06
C LYS C 153 23.91 -23.27 18.70
N ALA C 154 23.11 -23.02 17.65
CA ALA C 154 23.62 -22.82 16.30
C ALA C 154 24.60 -21.65 16.26
N ARG C 155 24.27 -20.57 16.95
CA ARG C 155 25.16 -19.42 17.05
C ARG C 155 26.46 -19.70 17.83
N ASP C 156 26.40 -20.54 18.86
CA ASP C 156 27.61 -20.96 19.59
C ASP C 156 28.61 -21.56 18.63
N ALA C 157 28.10 -22.47 17.78
CA ALA C 157 28.90 -23.22 16.80
C ALA C 157 29.50 -22.32 15.70
N ALA C 158 28.70 -21.37 15.23
CA ALA C 158 29.17 -20.40 14.27
C ALA C 158 30.30 -19.59 14.86
N ARG C 159 30.08 -19.03 16.05
CA ARG C 159 31.08 -18.17 16.69
C ARG C 159 32.38 -18.94 16.88
N GLU C 160 32.28 -20.15 17.42
CA GLU C 160 33.45 -21.01 17.62
C GLU C 160 34.20 -21.26 16.31
N ALA C 161 33.51 -21.31 15.17
CA ALA C 161 34.18 -21.40 13.84
C ALA C 161 34.66 -20.05 13.27
N GLY C 162 34.60 -18.96 14.04
CA GLY C 162 34.99 -17.65 13.56
C GLY C 162 34.03 -17.07 12.54
N LEU C 163 32.77 -17.53 12.57
CA LEU C 163 31.73 -17.06 11.64
C LEU C 163 30.77 -16.07 12.30
N SER C 164 30.17 -15.20 11.49
CA SER C 164 29.13 -14.30 11.98
C SER C 164 27.98 -15.10 12.58
N GLU C 165 27.39 -14.56 13.66
CA GLU C 165 26.23 -15.19 14.34
C GLU C 165 24.88 -14.91 13.64
N ASP C 166 24.76 -13.76 12.96
CA ASP C 166 23.54 -13.36 12.27
CA ASP C 166 23.50 -13.38 12.30
C ASP C 166 23.43 -14.04 10.90
N ARG C 167 23.28 -15.36 10.92
CA ARG C 167 23.18 -16.14 9.69
C ARG C 167 22.11 -17.26 9.79
N PHE C 168 21.15 -17.15 10.74
CA PHE C 168 20.11 -18.15 10.94
C PHE C 168 18.72 -17.55 10.86
N MET C 169 17.76 -18.34 10.36
CA MET C 169 16.34 -17.98 10.42
C MET C 169 15.61 -19.08 11.15
N ALA C 170 14.51 -18.73 11.80
CA ALA C 170 13.65 -19.66 12.51
C ALA C 170 12.43 -19.89 11.61
N CYS C 171 12.23 -21.11 11.16
CA CYS C 171 11.11 -21.36 10.22
C CYS C 171 9.92 -22.17 10.79
N GLU C 172 8.76 -21.53 10.83
CA GLU C 172 7.54 -22.07 11.42
C GLU C 172 6.92 -22.96 10.33
N ARG C 173 6.54 -24.17 10.69
CA ARG C 173 5.94 -25.10 9.72
C ARG C 173 4.74 -25.91 10.25
N GLY C 174 4.15 -25.43 11.35
CA GLY C 174 3.07 -26.09 12.01
C GLY C 174 3.46 -26.76 13.30
N VAL C 175 2.44 -26.98 14.17
CA VAL C 175 2.60 -27.79 15.41
C VAL C 175 1.53 -28.89 15.42
N SER C 176 1.88 -30.04 15.98
CA SER C 176 0.99 -31.18 16.05
C SER C 176 -0.30 -30.81 16.79
N PHE C 177 -1.43 -31.16 16.19
CA PHE C 177 -2.76 -30.88 16.76
C PHE C 177 -3.60 -32.13 16.72
N GLY C 178 -3.58 -32.89 17.79
CA GLY C 178 -4.15 -34.23 17.74
C GLY C 178 -3.40 -35.12 16.80
N TYR C 179 -4.11 -36.07 16.18
CA TYR C 179 -3.53 -36.99 15.20
C TYR C 179 -3.77 -36.51 13.77
N ASN C 180 -2.78 -36.64 12.91
CA ASN C 180 -2.97 -36.38 11.49
C ASN C 180 -3.41 -34.93 11.17
N ASN C 181 -2.93 -33.96 11.96
CA ASN C 181 -3.30 -32.58 11.77
C ASN C 181 -2.26 -31.68 12.38
N LEU C 182 -2.01 -30.57 11.69
CA LEU C 182 -1.10 -29.53 12.18
C LEU C 182 -1.93 -28.23 12.33
N VAL C 183 -1.64 -27.42 13.35
CA VAL C 183 -2.23 -26.11 13.43
C VAL C 183 -1.11 -25.06 13.34
N SER C 184 -1.45 -23.90 12.75
CA SER C 184 -0.55 -22.79 12.60
C SER C 184 -0.90 -21.77 13.70
N ASP C 185 -0.12 -21.78 14.76
CA ASP C 185 -0.33 -20.87 15.88
C ASP C 185 0.37 -19.53 15.53
N MET C 186 -0.42 -18.51 15.23
CA MET C 186 0.14 -17.22 14.83
C MET C 186 0.94 -16.56 15.96
N ARG C 187 0.65 -16.92 17.20
CA ARG C 187 1.46 -16.44 18.32
C ARG C 187 2.95 -16.84 18.18
N SER C 188 3.20 -17.98 17.57
CA SER C 188 4.57 -18.51 17.39
CA SER C 188 4.59 -18.47 17.43
C SER C 188 5.45 -17.53 16.61
N LEU C 189 4.84 -16.97 15.56
CA LEU C 189 5.51 -16.01 14.70
C LEU C 189 5.97 -14.79 15.51
N ALA C 190 5.19 -14.35 16.48
CA ALA C 190 5.59 -13.25 17.35
C ALA C 190 6.59 -13.68 18.43
N ILE C 191 6.29 -14.78 19.08
CA ILE C 191 7.16 -15.28 20.13
C ILE C 191 8.62 -15.47 19.64
N MET C 192 8.77 -16.06 18.46
CA MET C 192 10.09 -16.40 17.91
C MET C 192 10.92 -15.17 17.49
N ARG C 193 10.33 -13.96 17.55
CA ARG C 193 11.12 -12.72 17.44
C ARG C 193 12.17 -12.62 18.53
N GLU C 194 11.90 -13.30 19.64
CA GLU C 194 12.84 -13.34 20.77
C GLU C 194 14.13 -14.10 20.40
N THR C 195 14.13 -14.83 19.27
CA THR C 195 15.36 -15.49 18.81
C THR C 195 16.35 -14.45 18.29
N ASN C 196 15.85 -13.25 17.98
CA ASN C 196 16.63 -12.22 17.33
C ASN C 196 17.12 -12.74 15.99
N ALA C 197 16.33 -13.61 15.37
CA ALA C 197 16.60 -14.11 14.05
C ALA C 197 15.38 -13.83 13.21
N PRO C 198 15.58 -13.63 11.89
CA PRO C 198 14.38 -13.52 11.02
C PRO C 198 13.48 -14.75 11.10
N VAL C 199 12.16 -14.52 11.18
CA VAL C 199 11.20 -15.58 11.20
C VAL C 199 10.66 -15.81 9.79
N VAL C 200 10.59 -17.07 9.41
CA VAL C 200 10.11 -17.47 8.10
C VAL C 200 8.90 -18.38 8.25
N PHE C 201 7.89 -18.21 7.39
CA PHE C 201 6.67 -18.99 7.50
C PHE C 201 6.53 -19.95 6.33
N ASP C 202 6.47 -21.23 6.65
CA ASP C 202 6.27 -22.25 5.65
C ASP C 202 4.76 -22.53 5.46
N ALA C 203 4.17 -21.86 4.46
CA ALA C 203 2.73 -21.94 4.21
C ALA C 203 2.33 -23.29 3.67
N THR C 204 3.16 -23.91 2.85
CA THR C 204 2.81 -25.18 2.23
C THR C 204 2.77 -26.35 3.20
N HIS C 205 3.78 -26.50 4.03
CA HIS C 205 3.78 -27.63 4.96
C HIS C 205 2.89 -27.43 6.18
N SER C 206 2.58 -26.18 6.52
CA SER C 206 1.73 -25.86 7.69
C SER C 206 0.28 -26.32 7.50
N VAL C 207 -0.14 -26.60 6.24
CA VAL C 207 -1.50 -27.04 5.93
C VAL C 207 -1.57 -28.57 5.80
N GLN C 208 -0.42 -29.24 5.84
CA GLN C 208 -0.41 -30.66 5.54
C GLN C 208 -1.09 -31.43 6.67
N LEU C 209 -1.73 -32.53 6.29
CA LEU C 209 -2.29 -33.43 7.28
C LEU C 209 -1.33 -34.62 7.36
N PRO C 210 -0.47 -34.66 8.40
CA PRO C 210 0.57 -35.73 8.49
C PRO C 210 0.02 -37.14 8.39
N GLY C 211 0.86 -38.04 7.90
CA GLY C 211 0.52 -39.44 7.73
C GLY C 211 -0.48 -39.59 6.62
N GLY C 219 -5.72 -33.12 -0.58
CA GLY C 219 -5.56 -31.72 -1.00
C GLY C 219 -6.02 -30.70 0.04
N GLN C 220 -5.05 -30.02 0.66
CA GLN C 220 -5.32 -28.88 1.58
C GLN C 220 -4.87 -27.56 0.98
N ARG C 221 -4.68 -27.56 -0.33
CA ARG C 221 -4.24 -26.39 -1.07
C ARG C 221 -5.03 -25.13 -0.73
N GLU C 222 -6.34 -25.29 -0.49
CA GLU C 222 -7.23 -24.15 -0.25
C GLU C 222 -6.80 -23.32 0.96
N PHE C 223 -6.12 -23.93 1.92
CA PHE C 223 -5.70 -23.22 3.12
C PHE C 223 -4.35 -22.52 3.01
N VAL C 224 -3.63 -22.75 1.91
CA VAL C 224 -2.31 -22.13 1.72
C VAL C 224 -2.42 -20.60 1.63
N PRO C 225 -3.34 -20.06 0.80
CA PRO C 225 -3.53 -18.59 0.78
C PRO C 225 -4.01 -18.04 2.12
N VAL C 226 -4.87 -18.80 2.79
CA VAL C 226 -5.42 -18.44 4.08
C VAL C 226 -4.26 -18.25 5.04
N LEU C 227 -3.47 -19.30 5.23
CA LEU C 227 -2.38 -19.19 6.17
C LEU C 227 -1.31 -18.20 5.71
N ALA C 228 -1.02 -18.07 4.39
CA ALA C 228 -0.01 -17.09 3.95
C ALA C 228 -0.46 -15.64 4.31
N ARG C 229 -1.73 -15.32 4.06
CA ARG C 229 -2.25 -13.96 4.39
C ARG C 229 -2.19 -13.69 5.90
N ALA C 230 -2.62 -14.67 6.71
CA ALA C 230 -2.56 -14.56 8.17
C ALA C 230 -1.18 -14.33 8.69
N ALA C 231 -0.23 -15.12 8.21
CA ALA C 231 1.19 -15.04 8.63
C ALA C 231 1.82 -13.70 8.26
N VAL C 232 1.62 -13.28 7.03
CA VAL C 232 2.22 -11.99 6.55
C VAL C 232 1.62 -10.83 7.36
N ALA C 233 0.30 -10.90 7.59
CA ALA C 233 -0.34 -9.88 8.42
C ALA C 233 0.15 -9.96 9.86
N THR C 234 0.43 -11.17 10.33
CA THR C 234 1.00 -11.29 11.68
C THR C 234 2.35 -10.57 11.74
N GLY C 235 3.11 -10.76 10.67
CA GLY C 235 4.43 -10.13 10.55
C GLY C 235 5.55 -11.13 10.56
N VAL C 236 6.20 -11.31 9.41
CA VAL C 236 7.30 -12.22 9.23
C VAL C 236 8.38 -11.62 8.35
N ALA C 237 9.56 -12.24 8.37
CA ALA C 237 10.69 -11.80 7.56
C ALA C 237 10.63 -12.46 6.20
N GLY C 238 10.11 -13.68 6.14
CA GLY C 238 10.04 -14.43 4.90
C GLY C 238 8.92 -15.45 4.80
N LEU C 239 8.67 -15.87 3.59
CA LEU C 239 7.66 -16.84 3.28
C LEU C 239 8.29 -17.93 2.42
N PHE C 240 7.88 -19.17 2.68
CA PHE C 240 8.30 -20.37 1.95
C PHE C 240 7.04 -20.99 1.41
N MET C 241 6.99 -21.19 0.10
CA MET C 241 5.84 -21.77 -0.57
C MET C 241 6.26 -22.70 -1.66
N GLU C 242 5.69 -23.89 -1.72
CA GLU C 242 5.91 -24.75 -2.87
C GLU C 242 4.94 -24.40 -4.00
N THR C 243 5.45 -24.41 -5.23
CA THR C 243 4.67 -24.14 -6.42
C THR C 243 4.97 -25.14 -7.52
N HIS C 244 4.15 -25.16 -8.56
CA HIS C 244 4.33 -26.08 -9.71
C HIS C 244 3.52 -25.56 -10.86
N PRO C 245 4.00 -25.72 -12.11
CA PRO C 245 3.17 -25.33 -13.27
C PRO C 245 1.79 -25.99 -13.33
N ASN C 246 1.73 -27.30 -13.09
CA ASN C 246 0.45 -28.04 -12.97
C ASN C 246 0.54 -29.06 -11.83
N PRO C 247 0.17 -28.64 -10.60
CA PRO C 247 0.22 -29.47 -9.40
C PRO C 247 -0.35 -30.91 -9.59
N ALA C 248 -1.41 -31.05 -10.39
CA ALA C 248 -1.94 -32.37 -10.81
C ALA C 248 -0.83 -33.34 -11.29
N GLU C 249 0.14 -32.83 -12.05
CA GLU C 249 1.23 -33.66 -12.59
C GLU C 249 2.53 -33.57 -11.77
N ALA C 250 2.46 -33.03 -10.55
CA ALA C 250 3.64 -32.86 -9.68
C ALA C 250 4.12 -34.20 -9.14
N LYS C 251 5.43 -34.41 -9.15
CA LYS C 251 6.03 -35.65 -8.66
C LYS C 251 6.02 -35.75 -7.13
N SER C 252 5.81 -34.65 -6.41
CA SER C 252 5.76 -34.69 -4.94
C SER C 252 4.97 -33.55 -4.32
N ASP C 253 4.11 -33.89 -3.35
CA ASP C 253 3.30 -32.94 -2.58
C ASP C 253 2.47 -32.04 -3.51
N GLY C 254 2.04 -32.61 -4.64
CA GLY C 254 1.25 -31.91 -5.64
C GLY C 254 -0.04 -31.26 -5.14
N PRO C 255 -0.73 -31.89 -4.16
CA PRO C 255 -2.04 -31.38 -3.80
C PRO C 255 -1.99 -30.15 -2.89
N ASN C 256 -0.79 -29.81 -2.39
CA ASN C 256 -0.60 -28.61 -1.54
C ASN C 256 0.24 -27.49 -2.23
N ALA C 257 0.64 -27.73 -3.46
CA ALA C 257 1.43 -26.74 -4.19
C ALA C 257 0.49 -25.67 -4.74
N VAL C 258 0.92 -24.42 -4.70
CA VAL C 258 0.17 -23.35 -5.35
C VAL C 258 0.51 -23.38 -6.83
N PRO C 259 -0.51 -23.35 -7.70
CA PRO C 259 -0.20 -23.30 -9.11
C PRO C 259 0.59 -22.05 -9.45
N LEU C 260 1.61 -22.25 -10.28
CA LEU C 260 2.49 -21.17 -10.69
C LEU C 260 1.71 -19.97 -11.27
N ASN C 261 0.67 -20.22 -12.06
CA ASN C 261 -0.13 -19.11 -12.64
C ASN C 261 -1.03 -18.32 -11.64
N ARG C 262 -1.06 -18.73 -10.39
CA ARG C 262 -1.73 -17.97 -9.35
C ARG C 262 -0.73 -17.33 -8.36
N MET C 263 0.57 -17.57 -8.56
CA MET C 263 1.56 -17.06 -7.60
C MET C 263 1.64 -15.56 -7.63
N GLY C 264 1.53 -14.98 -8.82
CA GLY C 264 1.56 -13.54 -8.99
C GLY C 264 0.46 -12.86 -8.23
N ALA C 265 -0.77 -13.33 -8.44
CA ALA C 265 -1.95 -12.75 -7.77
C ALA C 265 -1.83 -12.84 -6.22
N LEU C 266 -1.40 -14.00 -5.75
CA LEU C 266 -1.21 -14.22 -4.29
C LEU C 266 -0.16 -13.25 -3.74
N LEU C 267 1.01 -13.21 -4.40
CA LEU C 267 2.12 -12.38 -3.92
C LEU C 267 1.76 -10.89 -3.92
N GLU C 268 0.99 -10.47 -4.90
CA GLU C 268 0.45 -9.10 -4.92
C GLU C 268 -0.34 -8.75 -3.67
N THR C 269 -1.24 -9.65 -3.26
CA THR C 269 -2.00 -9.46 -2.00
C THR C 269 -1.06 -9.44 -0.83
N LEU C 270 -0.12 -10.40 -0.79
CA LEU C 270 0.77 -10.48 0.36
C LEU C 270 1.66 -9.24 0.53
N VAL C 271 2.22 -8.69 -0.55
CA VAL C 271 2.98 -7.44 -0.49
C VAL C 271 2.13 -6.31 0.10
N THR C 272 0.88 -6.19 -0.32
CA THR C 272 0.02 -5.16 0.29
C THR C 272 -0.15 -5.36 1.82
N LEU C 273 -0.30 -6.61 2.25
CA LEU C 273 -0.45 -6.91 3.67
C LEU C 273 0.83 -6.61 4.43
N ASP C 274 1.97 -7.02 3.86
CA ASP C 274 3.29 -6.80 4.45
C ASP C 274 3.55 -5.31 4.70
N GLN C 275 3.31 -4.51 3.67
CA GLN C 275 3.47 -3.06 3.80
C GLN C 275 2.55 -2.49 4.84
N ALA C 276 1.29 -2.94 4.90
CA ALA C 276 0.33 -2.36 5.83
C ALA C 276 0.78 -2.56 7.28
N VAL C 277 1.35 -3.73 7.59
CA VAL C 277 1.67 -4.05 8.97
C VAL C 277 3.06 -3.57 9.38
N LYS C 278 3.94 -3.38 8.40
CA LYS C 278 5.26 -2.86 8.71
C LYS C 278 5.38 -1.31 8.53
N ARG C 279 4.35 -0.64 8.02
CA ARG C 279 4.33 0.85 7.92
C ARG C 279 4.51 1.52 9.28
N ASN C 280 4.01 0.86 10.32
CA ASN C 280 4.03 1.36 11.68
C ASN C 280 4.59 0.29 12.59
N PRO C 281 5.01 0.68 13.79
CA PRO C 281 5.36 -0.39 14.72
C PRO C 281 4.21 -1.41 14.91
N PHE C 282 4.59 -2.64 15.21
CA PHE C 282 3.61 -3.66 15.60
C PHE C 282 3.05 -3.27 16.96
N LEU C 283 1.74 -3.24 17.11
CA LEU C 283 1.16 -2.80 18.39
C LEU C 283 1.61 -3.68 19.58
N GLU C 284 1.85 -4.96 19.35
CA GLU C 284 2.31 -5.84 20.44
C GLU C 284 3.64 -5.44 21.12
N ASN C 285 4.46 -4.66 20.43
CA ASN C 285 5.70 -4.18 21.05
C ASN C 285 5.50 -3.16 22.18
N ASP C 286 4.34 -2.49 22.21
CA ASP C 286 3.95 -1.67 23.38
C ASP C 286 3.59 -2.54 24.58
N PHE C 287 3.11 -3.76 24.31
CA PHE C 287 2.68 -4.68 25.35
C PHE C 287 3.73 -5.76 25.52
N SER D 4 10.94 -4.77 -20.93
CA SER D 4 12.00 -4.33 -19.95
C SER D 4 13.42 -4.33 -20.59
N MET D 5 14.26 -3.38 -20.18
CA MET D 5 15.64 -3.27 -20.65
C MET D 5 16.63 -3.69 -19.57
N LYS D 6 17.68 -4.45 -19.93
CA LYS D 6 18.75 -4.77 -18.99
C LYS D 6 19.66 -3.53 -18.80
N LEU D 7 19.93 -3.13 -17.57
CA LEU D 7 20.78 -1.99 -17.33
C LEU D 7 21.69 -2.34 -16.19
N CYS D 8 23.00 -2.41 -16.47
CA CYS D 8 23.95 -2.80 -15.49
C CYS D 8 23.54 -4.23 -15.07
N ASP D 9 23.30 -4.53 -13.81
CA ASP D 9 22.95 -5.94 -13.50
C ASP D 9 21.47 -6.13 -13.15
N PHE D 10 20.61 -5.18 -13.56
CA PHE D 10 19.19 -5.30 -13.22
C PHE D 10 18.26 -4.97 -14.39
N GLU D 11 16.96 -5.19 -14.20
CA GLU D 11 16.00 -4.99 -15.26
C GLU D 11 15.29 -3.68 -14.92
N VAL D 12 15.14 -2.83 -15.92
CA VAL D 12 14.48 -1.54 -15.69
C VAL D 12 13.42 -1.36 -16.71
N GLY D 13 12.46 -0.52 -16.36
CA GLY D 13 11.39 -0.21 -17.26
C GLY D 13 10.15 0.21 -16.55
N LEU D 14 9.13 0.47 -17.34
CA LEU D 14 7.88 0.96 -16.80
C LEU D 14 7.18 -0.07 -15.94
N ASP D 15 7.45 -1.36 -16.17
CA ASP D 15 6.85 -2.46 -15.41
C ASP D 15 7.74 -2.97 -14.24
N GLN D 16 8.88 -2.33 -14.01
CA GLN D 16 9.81 -2.77 -13.01
C GLN D 16 9.84 -1.71 -11.93
N PRO D 17 10.25 -2.11 -10.74
CA PRO D 17 10.46 -1.05 -9.76
C PRO D 17 11.44 0.02 -10.27
N PHE D 18 11.23 1.25 -9.88
CA PHE D 18 12.12 2.31 -10.35
C PHE D 18 13.55 2.12 -9.80
N PHE D 19 14.53 2.55 -10.61
CA PHE D 19 15.89 2.66 -10.19
C PHE D 19 16.28 4.11 -9.90
N LEU D 20 17.29 4.25 -9.07
CA LEU D 20 17.79 5.55 -8.65
C LEU D 20 19.19 5.80 -9.22
N ILE D 21 19.35 6.97 -9.83
CA ILE D 21 20.68 7.49 -10.17
C ILE D 21 20.88 8.65 -9.19
N ALA D 22 21.93 8.64 -8.38
CA ALA D 22 22.18 9.73 -7.43
C ALA D 22 23.65 9.85 -7.05
N GLY D 23 24.01 11.04 -6.60
CA GLY D 23 25.32 11.30 -6.04
C GLY D 23 25.52 12.78 -5.82
N THR D 24 26.76 13.15 -5.56
CA THR D 24 27.13 14.57 -5.52
C THR D 24 27.23 15.11 -6.93
N CYS D 25 27.01 16.40 -7.07
CA CYS D 25 26.93 17.03 -8.39
C CYS D 25 28.19 16.82 -9.21
N VAL D 26 29.32 17.09 -8.55
CA VAL D 26 30.65 16.93 -9.13
C VAL D 26 31.48 16.06 -8.19
N VAL D 27 32.53 15.45 -8.74
CA VAL D 27 33.48 14.73 -7.91
C VAL D 27 34.27 15.77 -7.14
N GLU D 28 34.11 15.79 -5.82
CA GLU D 28 34.71 16.80 -4.95
C GLU D 28 36.04 16.32 -4.39
N SER D 29 36.13 15.02 -4.17
CA SER D 29 37.15 14.45 -3.35
C SER D 29 36.92 12.94 -3.43
N GLU D 30 37.95 12.15 -3.16
CA GLU D 30 37.77 10.71 -3.18
C GLU D 30 36.93 10.28 -1.98
N GLN D 31 37.24 10.79 -0.79
CA GLN D 31 36.49 10.44 0.43
C GLN D 31 35.02 10.91 0.40
N MET D 32 34.76 12.14 -0.04
CA MET D 32 33.38 12.61 -0.23
C MET D 32 32.58 11.68 -1.12
N THR D 33 33.21 11.19 -2.18
CA THR D 33 32.55 10.34 -3.17
C THR D 33 32.31 8.94 -2.63
N ILE D 34 33.35 8.31 -2.09
CA ILE D 34 33.22 6.95 -1.54
C ILE D 34 32.23 6.92 -0.36
N ASP D 35 32.30 7.90 0.52
CA ASP D 35 31.36 8.00 1.64
C ASP D 35 29.94 8.21 1.19
N THR D 36 29.74 9.13 0.23
CA THR D 36 28.40 9.44 -0.24
C THR D 36 27.84 8.22 -0.97
N ALA D 37 28.68 7.62 -1.80
CA ALA D 37 28.30 6.41 -2.57
C ALA D 37 27.96 5.25 -1.63
N GLY D 38 28.81 5.04 -0.63
CA GLY D 38 28.61 3.95 0.32
C GLY D 38 27.32 4.08 1.11
N ARG D 39 27.02 5.30 1.56
CA ARG D 39 25.83 5.57 2.37
C ARG D 39 24.56 5.49 1.50
N LEU D 40 24.62 5.93 0.25
CA LEU D 40 23.51 5.67 -0.68
C LEU D 40 23.30 4.19 -0.93
N LYS D 41 24.41 3.44 -1.07
CA LYS D 41 24.33 2.01 -1.30
C LYS D 41 23.58 1.35 -0.17
N GLU D 42 23.87 1.72 1.07
CA GLU D 42 23.19 1.10 2.23
C GLU D 42 21.71 1.55 2.30
N ILE D 43 21.45 2.82 2.02
CA ILE D 43 20.05 3.24 1.97
C ILE D 43 19.27 2.48 0.92
N CYS D 44 19.84 2.32 -0.26
CA CYS D 44 19.14 1.69 -1.38
C CYS D 44 19.00 0.16 -1.21
N GLU D 45 20.05 -0.48 -0.71
CA GLU D 45 19.99 -1.91 -0.40
C GLU D 45 18.85 -2.19 0.56
N LYS D 46 18.72 -1.39 1.62
CA LYS D 46 17.63 -1.58 2.58
C LYS D 46 16.20 -1.47 2.01
N LEU D 47 16.04 -0.67 0.94
CA LEU D 47 14.73 -0.42 0.34
C LEU D 47 14.51 -1.21 -0.94
N ASN D 48 15.50 -2.00 -1.34
CA ASN D 48 15.47 -2.77 -2.57
C ASN D 48 15.34 -1.87 -3.78
N VAL D 49 16.04 -0.73 -3.76
CA VAL D 49 15.99 0.19 -4.89
C VAL D 49 17.29 0.01 -5.67
N PRO D 50 17.19 -0.43 -6.92
CA PRO D 50 18.42 -0.56 -7.71
C PRO D 50 19.10 0.77 -7.80
N PHE D 51 20.42 0.78 -7.72
CA PHE D 51 21.13 2.04 -7.58
C PHE D 51 22.37 2.19 -8.50
N ILE D 52 22.45 3.32 -9.20
CA ILE D 52 23.62 3.74 -9.99
C ILE D 52 24.19 5.05 -9.42
N TYR D 53 25.49 5.08 -9.13
CA TYR D 53 26.12 6.30 -8.61
C TYR D 53 26.54 7.25 -9.74
N LYS D 54 26.31 8.54 -9.53
CA LYS D 54 26.65 9.56 -10.49
C LYS D 54 27.39 10.70 -9.83
N SER D 55 28.50 11.11 -10.46
CA SER D 55 29.04 12.46 -10.30
C SER D 55 29.70 12.92 -11.60
N SER D 56 29.75 14.25 -11.76
CA SER D 56 30.39 14.85 -12.93
C SER D 56 31.88 15.06 -12.69
N TYR D 57 32.68 14.92 -13.77
CA TYR D 57 34.14 15.20 -13.74
C TYR D 57 34.47 16.59 -14.29
N LEU D 71 38.63 19.05 -10.25
CA LEU D 71 39.70 18.11 -10.04
C LEU D 71 40.25 17.60 -11.38
N GLY D 72 39.47 17.78 -12.44
CA GLY D 72 39.87 17.38 -13.80
C GLY D 72 39.32 16.02 -14.21
N MET D 73 39.28 15.77 -15.52
CA MET D 73 38.68 14.55 -16.06
C MET D 73 39.40 13.27 -15.60
N ASP D 74 40.72 13.23 -15.78
CA ASP D 74 41.49 12.05 -15.38
C ASP D 74 41.23 11.65 -13.93
N GLU D 75 41.18 12.65 -13.05
CA GLU D 75 41.05 12.41 -11.63
C GLU D 75 39.62 12.05 -11.24
N GLY D 76 38.64 12.72 -11.86
CA GLY D 76 37.24 12.41 -11.62
C GLY D 76 36.92 10.99 -12.04
N LEU D 77 37.40 10.58 -13.21
CA LEU D 77 37.23 9.21 -13.69
C LEU D 77 37.96 8.18 -12.84
N ARG D 78 39.16 8.51 -12.38
CA ARG D 78 39.87 7.58 -11.50
C ARG D 78 39.01 7.27 -10.28
N ILE D 79 38.49 8.34 -9.67
CA ILE D 79 37.71 8.26 -8.45
C ILE D 79 36.41 7.50 -8.67
N LEU D 80 35.79 7.68 -9.84
CA LEU D 80 34.59 6.88 -10.18
C LEU D 80 35.00 5.41 -10.32
N SER D 81 36.16 5.14 -10.92
CA SER D 81 36.64 3.75 -11.01
C SER D 81 36.80 3.11 -9.61
N GLU D 82 37.08 3.94 -8.61
CA GLU D 82 37.20 3.48 -7.23
C GLU D 82 35.85 3.21 -6.57
N VAL D 83 34.84 4.01 -6.90
CA VAL D 83 33.49 3.69 -6.43
C VAL D 83 33.13 2.29 -6.90
N LYS D 84 33.42 2.03 -8.16
CA LYS D 84 33.24 0.72 -8.76
C LYS D 84 34.05 -0.37 -8.06
N ARG D 85 35.36 -0.13 -7.90
CA ARG D 85 36.22 -1.17 -7.35
C ARG D 85 35.97 -1.38 -5.85
N GLN D 86 35.75 -0.32 -5.08
CA GLN D 86 35.62 -0.50 -3.64
C GLN D 86 34.22 -0.93 -3.24
N LEU D 87 33.20 -0.48 -3.96
CA LEU D 87 31.83 -0.66 -3.51
C LEU D 87 30.99 -1.58 -4.40
N GLY D 88 31.51 -1.98 -5.55
CA GLY D 88 30.80 -2.86 -6.46
C GLY D 88 29.60 -2.21 -7.13
N LEU D 89 29.54 -0.87 -7.12
CA LEU D 89 28.45 -0.11 -7.67
C LEU D 89 28.65 0.24 -9.15
N PRO D 90 27.57 0.20 -9.94
CA PRO D 90 27.64 0.78 -11.27
C PRO D 90 27.71 2.27 -11.18
N VAL D 91 28.39 2.90 -12.13
CA VAL D 91 28.50 4.34 -12.14
C VAL D 91 28.12 4.96 -13.48
N LEU D 92 27.66 6.20 -13.43
CA LEU D 92 27.24 6.96 -14.58
C LEU D 92 27.91 8.32 -14.49
N THR D 93 28.25 8.89 -15.65
CA THR D 93 28.69 10.28 -15.70
C THR D 93 28.28 10.90 -17.03
N ASP D 94 28.24 12.22 -17.06
CA ASP D 94 27.94 12.94 -18.29
C ASP D 94 29.22 13.18 -19.10
N VAL D 95 29.09 13.06 -20.41
CA VAL D 95 30.20 13.28 -21.33
C VAL D 95 29.87 14.54 -22.13
N HIS D 96 30.88 15.40 -22.28
CA HIS D 96 30.70 16.77 -22.77
C HIS D 96 31.02 16.95 -24.23
N SER D 97 31.91 16.12 -24.78
CA SER D 97 32.28 16.22 -26.19
C SER D 97 32.58 14.85 -26.82
N ILE D 98 32.59 14.77 -28.16
CA ILE D 98 32.93 13.49 -28.82
C ILE D 98 34.32 12.98 -28.40
N ASP D 99 35.28 13.92 -28.28
CA ASP D 99 36.68 13.65 -27.86
C ASP D 99 36.82 12.84 -26.56
N GLU D 100 35.87 12.99 -25.64
CA GLU D 100 35.94 12.34 -24.33
C GLU D 100 35.20 10.99 -24.29
N ILE D 101 34.48 10.60 -25.33
CA ILE D 101 33.59 9.42 -25.24
C ILE D 101 34.38 8.15 -24.97
N GLU D 102 35.49 7.98 -25.69
CA GLU D 102 36.23 6.76 -25.63
C GLU D 102 36.82 6.50 -24.25
N GLN D 103 37.45 7.52 -23.68
CA GLN D 103 37.99 7.42 -22.32
C GLN D 103 36.91 7.20 -21.26
N VAL D 104 35.86 8.01 -21.31
CA VAL D 104 34.81 7.95 -20.30
C VAL D 104 34.15 6.58 -20.36
N ALA D 105 33.84 6.09 -21.56
CA ALA D 105 33.19 4.78 -21.72
C ALA D 105 34.04 3.62 -21.23
N SER D 106 35.37 3.80 -21.15
CA SER D 106 36.22 2.71 -20.68
CA SER D 106 36.23 2.72 -20.69
C SER D 106 36.20 2.61 -19.18
N VAL D 107 35.67 3.63 -18.50
CA VAL D 107 35.63 3.62 -17.03
C VAL D 107 34.23 3.41 -16.48
N VAL D 108 33.23 4.11 -17.05
CA VAL D 108 31.86 4.12 -16.47
C VAL D 108 30.96 3.02 -17.03
N ASP D 109 29.85 2.75 -16.35
CA ASP D 109 28.87 1.78 -16.83
C ASP D 109 27.77 2.35 -17.77
N VAL D 110 27.47 3.65 -17.60
CA VAL D 110 26.41 4.34 -18.33
C VAL D 110 26.87 5.75 -18.66
N LEU D 111 26.71 6.13 -19.92
CA LEU D 111 26.97 7.51 -20.35
C LEU D 111 25.70 8.32 -20.20
N GLN D 112 25.87 9.63 -20.06
CA GLN D 112 24.72 10.56 -20.12
C GLN D 112 25.10 11.74 -20.98
N THR D 113 24.14 12.19 -21.79
CA THR D 113 24.39 13.30 -22.72
C THR D 113 23.84 14.58 -22.16
N PRO D 114 24.54 15.71 -22.35
CA PRO D 114 24.00 17.01 -21.93
C PRO D 114 22.72 17.35 -22.70
N ALA D 115 21.73 17.95 -22.05
CA ALA D 115 20.44 18.23 -22.71
C ALA D 115 20.65 19.12 -23.94
N PHE D 116 21.54 20.11 -23.87
CA PHE D 116 21.73 21.04 -25.00
C PHE D 116 22.24 20.35 -26.28
N LEU D 117 22.81 19.16 -26.16
CA LEU D 117 23.42 18.46 -27.30
C LEU D 117 22.50 17.41 -27.91
N CYS D 118 21.22 17.39 -27.51
CA CYS D 118 20.33 16.30 -27.89
C CYS D 118 20.06 16.24 -29.38
N ARG D 119 20.27 17.35 -30.08
CA ARG D 119 20.05 17.41 -31.52
C ARG D 119 21.37 17.41 -32.31
N GLN D 120 22.49 17.26 -31.61
CA GLN D 120 23.82 17.18 -32.26
C GLN D 120 24.06 15.75 -32.64
N THR D 121 23.65 15.38 -33.84
CA THR D 121 23.57 13.95 -34.15
C THR D 121 24.92 13.24 -34.19
N ASP D 122 25.99 13.94 -34.58
CA ASP D 122 27.32 13.32 -34.55
C ASP D 122 27.69 12.86 -33.13
N PHE D 123 27.36 13.70 -32.16
CA PHE D 123 27.64 13.45 -30.75
C PHE D 123 26.76 12.34 -30.22
N ILE D 124 25.47 12.40 -30.51
CA ILE D 124 24.55 11.35 -30.05
C ILE D 124 24.96 10.02 -30.66
N HIS D 125 25.32 10.04 -31.95
CA HIS D 125 25.76 8.82 -32.66
C HIS D 125 26.98 8.23 -32.01
N ALA D 126 27.95 9.09 -31.64
CA ALA D 126 29.20 8.61 -31.02
C ALA D 126 28.94 7.98 -29.65
N CYS D 127 28.06 8.60 -28.84
CA CYS D 127 27.64 7.96 -27.58
C CYS D 127 26.93 6.62 -27.85
N ALA D 128 26.01 6.61 -28.80
CA ALA D 128 25.29 5.39 -29.14
C ALA D 128 26.20 4.23 -29.52
N ARG D 129 27.31 4.51 -30.22
CA ARG D 129 28.23 3.50 -30.71
CA ARG D 129 28.18 3.42 -30.67
C ARG D 129 29.33 3.18 -29.69
N SER D 130 29.26 3.80 -28.52
CA SER D 130 30.31 3.69 -27.53
C SER D 130 30.51 2.28 -26.96
N GLY D 131 29.45 1.46 -26.97
CA GLY D 131 29.47 0.13 -26.30
C GLY D 131 28.81 0.17 -24.92
N LYS D 132 28.48 1.35 -24.42
CA LYS D 132 27.78 1.49 -23.13
C LYS D 132 26.37 2.03 -23.32
N PRO D 133 25.48 1.75 -22.37
CA PRO D 133 24.16 2.35 -22.46
C PRO D 133 24.25 3.87 -22.22
N VAL D 134 23.23 4.58 -22.68
CA VAL D 134 23.23 6.02 -22.66
C VAL D 134 21.89 6.58 -22.18
N ASN D 135 21.94 7.39 -21.11
CA ASN D 135 20.81 8.18 -20.66
C ASN D 135 20.83 9.50 -21.45
N ILE D 136 19.90 9.63 -22.41
CA ILE D 136 19.84 10.79 -23.30
C ILE D 136 18.89 11.87 -22.75
N LYS D 137 19.46 13.01 -22.38
CA LYS D 137 18.70 14.10 -21.81
C LYS D 137 17.95 14.87 -22.90
N LYS D 138 16.65 15.06 -22.67
CA LYS D 138 15.79 15.88 -23.49
C LYS D 138 16.11 17.37 -23.34
N GLY D 139 16.51 18.00 -24.43
CA GLY D 139 16.76 19.46 -24.44
C GLY D 139 15.58 20.27 -23.90
N GLN D 140 15.86 21.34 -23.16
CA GLN D 140 14.83 22.26 -22.66
C GLN D 140 13.99 22.87 -23.79
N PHE D 141 14.46 22.77 -25.02
CA PHE D 141 13.80 23.30 -26.20
C PHE D 141 13.02 22.29 -27.02
N LEU D 142 13.06 21.03 -26.61
CA LEU D 142 12.30 19.98 -27.32
C LEU D 142 10.88 19.84 -26.80
N ALA D 143 9.98 19.43 -27.68
CA ALA D 143 8.68 18.91 -27.31
C ALA D 143 8.82 17.39 -27.04
N PRO D 144 7.99 16.84 -26.16
CA PRO D 144 8.14 15.41 -25.78
C PRO D 144 8.12 14.48 -26.99
N HIS D 145 7.27 14.78 -27.94
CA HIS D 145 7.16 13.93 -29.12
CA HIS D 145 7.12 13.94 -29.11
C HIS D 145 8.41 13.91 -29.93
N ASP D 146 9.26 14.93 -29.77
CA ASP D 146 10.52 15.00 -30.53
C ASP D 146 11.57 14.01 -30.12
N MET D 147 11.44 13.49 -28.92
CA MET D 147 12.42 12.58 -28.37
C MET D 147 12.45 11.21 -29.05
N LYS D 148 11.34 10.82 -29.67
CA LYS D 148 11.32 9.60 -30.46
C LYS D 148 12.35 9.63 -31.58
N ASN D 149 12.41 10.73 -32.30
CA ASN D 149 13.41 10.83 -33.37
C ASN D 149 14.86 10.71 -32.84
N VAL D 150 15.15 11.40 -31.76
CA VAL D 150 16.47 11.32 -31.10
C VAL D 150 16.86 9.86 -30.75
N ILE D 151 15.93 9.15 -30.10
CA ILE D 151 16.18 7.75 -29.75
C ILE D 151 16.30 6.85 -31.00
N ASP D 152 15.44 7.06 -31.99
CA ASP D 152 15.50 6.31 -33.23
C ASP D 152 16.86 6.46 -33.92
N LYS D 153 17.38 7.68 -33.95
CA LYS D 153 18.72 7.96 -34.48
C LYS D 153 19.84 7.27 -33.69
N ALA D 154 19.77 7.34 -32.36
CA ALA D 154 20.73 6.64 -31.49
C ALA D 154 20.73 5.18 -31.83
N ARG D 155 19.55 4.61 -32.00
CA ARG D 155 19.45 3.20 -32.28
C ARG D 155 20.01 2.84 -33.66
N ASP D 156 19.87 3.72 -34.64
CA ASP D 156 20.53 3.52 -35.95
C ASP D 156 22.00 3.26 -35.77
N ALA D 157 22.63 4.18 -35.04
CA ALA D 157 24.07 4.14 -34.83
C ALA D 157 24.48 2.87 -34.07
N ALA D 158 23.70 2.50 -33.05
CA ALA D 158 23.96 1.29 -32.27
C ALA D 158 23.98 0.10 -33.21
N ARG D 159 22.88 -0.03 -33.94
CA ARG D 159 22.72 -1.14 -34.85
C ARG D 159 23.91 -1.23 -35.84
N GLU D 160 24.36 -0.09 -36.37
CA GLU D 160 25.44 -0.12 -37.37
C GLU D 160 26.80 -0.53 -36.77
N ALA D 161 26.95 -0.45 -35.45
CA ALA D 161 28.13 -0.97 -34.74
C ALA D 161 27.97 -2.41 -34.19
N GLY D 162 26.87 -3.08 -34.56
CA GLY D 162 26.59 -4.45 -34.09
C GLY D 162 26.01 -4.55 -32.70
N LEU D 163 25.56 -3.40 -32.18
CA LEU D 163 25.15 -3.29 -30.79
C LEU D 163 23.63 -3.39 -30.68
N SER D 164 23.17 -3.96 -29.56
CA SER D 164 21.74 -4.00 -29.23
C SER D 164 21.15 -2.58 -29.20
N GLU D 165 19.90 -2.47 -29.63
CA GLU D 165 19.19 -1.19 -29.66
C GLU D 165 18.53 -0.81 -28.34
N ASP D 166 18.29 -1.79 -27.46
CA ASP D 166 17.66 -1.51 -26.16
C ASP D 166 18.73 -1.16 -25.14
N ARG D 167 19.37 0.00 -25.33
CA ARG D 167 20.44 0.47 -24.41
C ARG D 167 20.33 1.98 -24.19
N PHE D 168 19.13 2.54 -24.44
CA PHE D 168 18.87 3.98 -24.35
C PHE D 168 17.71 4.30 -23.43
N MET D 169 17.84 5.40 -22.70
CA MET D 169 16.81 5.90 -21.83
C MET D 169 16.57 7.35 -22.20
N ALA D 170 15.32 7.77 -22.10
CA ALA D 170 14.90 9.15 -22.36
C ALA D 170 14.74 9.94 -21.05
N CYS D 171 15.54 10.97 -20.86
CA CYS D 171 15.62 11.63 -19.57
C CYS D 171 15.01 13.06 -19.58
N GLU D 172 13.93 13.22 -18.81
CA GLU D 172 13.18 14.48 -18.69
C GLU D 172 13.91 15.37 -17.68
N ARG D 173 14.21 16.60 -18.05
CA ARG D 173 14.91 17.50 -17.15
C ARG D 173 14.33 18.91 -17.18
N GLY D 174 13.12 19.03 -17.73
CA GLY D 174 12.40 20.30 -17.72
C GLY D 174 12.37 20.96 -19.07
N VAL D 175 11.37 21.82 -19.28
CA VAL D 175 11.24 22.54 -20.56
C VAL D 175 11.12 24.03 -20.27
N SER D 176 11.70 24.86 -21.16
CA SER D 176 11.76 26.30 -20.95
C SER D 176 10.33 26.86 -20.72
N PHE D 177 10.19 27.75 -19.74
CA PHE D 177 8.89 28.37 -19.40
C PHE D 177 9.11 29.86 -19.17
N GLY D 178 8.95 30.67 -20.20
CA GLY D 178 9.33 32.08 -20.10
C GLY D 178 10.83 32.21 -19.96
N TYR D 179 11.29 33.26 -19.30
CA TYR D 179 12.71 33.42 -19.07
C TYR D 179 13.09 32.91 -17.66
N ASN D 180 14.28 32.32 -17.57
CA ASN D 180 14.83 31.94 -16.26
C ASN D 180 13.93 30.99 -15.43
N ASN D 181 13.26 30.07 -16.11
CA ASN D 181 12.37 29.16 -15.44
C ASN D 181 12.15 27.96 -16.30
N LEU D 182 11.97 26.82 -15.65
CA LEU D 182 11.67 25.58 -16.33
C LEU D 182 10.36 25.06 -15.73
N VAL D 183 9.59 24.29 -16.51
CA VAL D 183 8.41 23.62 -16.00
C VAL D 183 8.51 22.13 -16.29
N SER D 184 7.99 21.31 -15.39
CA SER D 184 8.03 19.86 -15.53
C SER D 184 6.62 19.45 -15.93
N ASP D 185 6.46 19.20 -17.20
CA ASP D 185 5.22 18.76 -17.74
C ASP D 185 5.11 17.24 -17.58
N MET D 186 4.27 16.80 -16.65
CA MET D 186 4.13 15.38 -16.36
C MET D 186 3.58 14.63 -17.59
N ARG D 187 2.87 15.29 -18.49
CA ARG D 187 2.44 14.64 -19.74
C ARG D 187 3.65 14.10 -20.53
N SER D 188 4.80 14.77 -20.42
CA SER D 188 6.02 14.36 -21.13
CA SER D 188 5.96 14.32 -21.17
C SER D 188 6.42 12.92 -20.75
N LEU D 189 6.31 12.61 -19.47
CA LEU D 189 6.71 11.29 -18.97
C LEU D 189 5.86 10.15 -19.60
N ALA D 190 4.59 10.44 -19.89
CA ALA D 190 3.68 9.52 -20.55
C ALA D 190 3.91 9.51 -22.06
N ILE D 191 4.01 10.69 -22.63
CA ILE D 191 4.29 10.82 -24.05
C ILE D 191 5.54 10.03 -24.46
N MET D 192 6.64 10.18 -23.70
CA MET D 192 7.92 9.58 -24.12
C MET D 192 8.00 8.04 -23.99
N ARG D 193 6.98 7.42 -23.38
CA ARG D 193 6.80 5.98 -23.46
C ARG D 193 6.75 5.53 -24.91
N GLU D 194 6.35 6.43 -25.79
CA GLU D 194 6.29 6.09 -27.23
C GLU D 194 7.71 5.86 -27.78
N THR D 195 8.76 6.24 -27.06
CA THR D 195 10.14 5.94 -27.55
C THR D 195 10.51 4.47 -27.40
N ASN D 196 9.69 3.73 -26.66
CA ASN D 196 9.96 2.34 -26.27
C ASN D 196 11.32 2.22 -25.61
N ALA D 197 11.67 3.25 -24.86
CA ALA D 197 12.85 3.31 -24.03
C ALA D 197 12.41 3.65 -22.63
N PRO D 198 13.17 3.22 -21.62
CA PRO D 198 12.86 3.62 -20.24
C PRO D 198 12.91 5.14 -20.06
N VAL D 199 11.90 5.71 -19.39
CA VAL D 199 11.86 7.12 -19.14
C VAL D 199 12.43 7.38 -17.74
N VAL D 200 13.36 8.33 -17.67
CA VAL D 200 14.03 8.68 -16.42
C VAL D 200 13.72 10.14 -16.11
N PHE D 201 13.44 10.45 -14.84
CA PHE D 201 13.07 11.81 -14.46
C PHE D 201 14.20 12.39 -13.69
N ASP D 202 14.68 13.52 -14.15
CA ASP D 202 15.68 14.30 -13.43
C ASP D 202 15.05 15.36 -12.53
N ALA D 203 14.91 15.02 -11.25
CA ALA D 203 14.21 15.87 -10.30
C ALA D 203 15.04 17.08 -9.91
N THR D 204 16.36 16.90 -9.79
CA THR D 204 17.20 18.02 -9.45
C THR D 204 17.28 19.09 -10.55
N HIS D 205 17.52 18.73 -11.81
CA HIS D 205 17.68 19.80 -12.80
C HIS D 205 16.34 20.41 -13.24
N SER D 206 15.26 19.64 -13.10
CA SER D 206 13.89 20.12 -13.37
C SER D 206 13.41 21.30 -12.52
N VAL D 207 14.03 21.55 -11.37
CA VAL D 207 13.65 22.64 -10.49
C VAL D 207 14.55 23.87 -10.67
N GLN D 208 15.64 23.72 -11.42
CA GLN D 208 16.64 24.79 -11.48
C GLN D 208 16.06 25.99 -12.26
N LEU D 209 16.43 27.19 -11.83
CA LEU D 209 16.07 28.39 -12.55
C LEU D 209 17.26 28.75 -13.43
N PRO D 210 17.13 28.54 -14.74
CA PRO D 210 18.30 28.76 -15.63
C PRO D 210 18.81 30.22 -15.67
N GLY D 211 20.07 30.38 -16.06
CA GLY D 211 20.76 31.69 -16.06
C GLY D 211 21.47 31.91 -14.74
N GLY D 219 18.18 27.56 -5.08
CA GLY D 219 17.42 27.74 -3.86
C GLY D 219 16.04 27.15 -4.13
N GLN D 220 16.00 26.06 -4.88
CA GLN D 220 14.71 25.48 -5.29
C GLN D 220 14.57 24.07 -4.73
N ARG D 221 15.40 23.78 -3.72
CA ARG D 221 15.44 22.48 -3.03
C ARG D 221 14.05 22.01 -2.61
N GLU D 222 13.20 22.94 -2.16
CA GLU D 222 11.88 22.61 -1.66
CA GLU D 222 11.87 22.59 -1.66
C GLU D 222 11.01 21.91 -2.73
N PHE D 223 11.33 22.10 -4.00
CA PHE D 223 10.53 21.46 -5.05
C PHE D 223 11.06 20.13 -5.54
N VAL D 224 12.24 19.73 -5.07
CA VAL D 224 12.78 18.43 -5.49
C VAL D 224 11.88 17.26 -5.05
N PRO D 225 11.48 17.21 -3.77
CA PRO D 225 10.58 16.11 -3.39
C PRO D 225 9.20 16.20 -4.05
N VAL D 226 8.69 17.43 -4.27
CA VAL D 226 7.42 17.65 -4.91
C VAL D 226 7.42 17.04 -6.31
N LEU D 227 8.42 17.42 -7.12
CA LEU D 227 8.42 16.88 -8.48
C LEU D 227 8.79 15.37 -8.48
N ALA D 228 9.66 14.92 -7.55
CA ALA D 228 10.00 13.49 -7.46
C ALA D 228 8.75 12.66 -7.19
N ARG D 229 7.97 13.05 -6.18
CA ARG D 229 6.71 12.37 -5.91
C ARG D 229 5.77 12.41 -7.13
N ALA D 230 5.60 13.59 -7.74
CA ALA D 230 4.73 13.72 -8.93
C ALA D 230 5.16 12.78 -10.08
N ALA D 231 6.45 12.74 -10.38
CA ALA D 231 6.99 11.97 -11.50
C ALA D 231 6.86 10.48 -11.27
N VAL D 232 7.18 10.03 -10.05
CA VAL D 232 7.01 8.59 -9.66
C VAL D 232 5.53 8.20 -9.74
N ALA D 233 4.62 9.06 -9.24
CA ALA D 233 3.18 8.76 -9.38
C ALA D 233 2.73 8.73 -10.83
N THR D 234 3.34 9.57 -11.65
CA THR D 234 3.03 9.55 -13.09
C THR D 234 3.41 8.22 -13.70
N GLY D 235 4.56 7.69 -13.30
CA GLY D 235 5.02 6.40 -13.82
C GLY D 235 6.28 6.58 -14.67
N VAL D 236 7.42 6.23 -14.07
CA VAL D 236 8.72 6.29 -14.74
C VAL D 236 9.52 5.02 -14.44
N ALA D 237 10.59 4.81 -15.21
CA ALA D 237 11.52 3.70 -15.02
C ALA D 237 12.58 4.06 -14.01
N GLY D 238 12.95 5.34 -13.95
CA GLY D 238 14.11 5.77 -13.19
C GLY D 238 13.98 7.18 -12.68
N LEU D 239 14.77 7.47 -11.65
CA LEU D 239 14.82 8.76 -11.03
C LEU D 239 16.24 9.18 -10.84
N PHE D 240 16.57 10.43 -11.22
CA PHE D 240 17.85 11.07 -10.86
C PHE D 240 17.69 12.17 -9.83
N MET D 241 18.52 12.17 -8.79
CA MET D 241 18.56 13.29 -7.82
C MET D 241 20.00 13.47 -7.35
N GLU D 242 20.42 14.72 -7.20
CA GLU D 242 21.65 15.05 -6.52
C GLU D 242 21.43 15.05 -5.04
N THR D 243 22.45 14.60 -4.30
CA THR D 243 22.43 14.66 -2.85
C THR D 243 23.77 15.14 -2.31
N HIS D 244 23.82 15.59 -1.07
CA HIS D 244 25.11 15.91 -0.42
C HIS D 244 24.96 15.71 1.07
N PRO D 245 26.03 15.26 1.76
CA PRO D 245 25.92 15.15 3.22
C PRO D 245 25.58 16.47 3.91
N ASN D 246 26.12 17.58 3.39
CA ASN D 246 25.89 18.91 3.95
C ASN D 246 25.87 19.89 2.78
N PRO D 247 24.72 19.97 2.05
CA PRO D 247 24.53 20.78 0.84
C PRO D 247 24.98 22.24 0.98
N ALA D 248 24.96 22.76 2.20
CA ALA D 248 25.47 24.12 2.47
C ALA D 248 26.97 24.27 2.14
N GLU D 249 27.72 23.17 2.17
CA GLU D 249 29.14 23.19 1.85
C GLU D 249 29.49 22.55 0.48
N ALA D 250 28.48 22.23 -0.34
CA ALA D 250 28.70 21.56 -1.63
C ALA D 250 29.54 22.45 -2.56
N LYS D 251 30.30 21.83 -3.47
CA LYS D 251 31.14 22.58 -4.41
C LYS D 251 30.38 23.00 -5.69
N SER D 252 29.16 22.49 -5.87
CA SER D 252 28.33 22.83 -7.05
C SER D 252 26.84 22.43 -6.89
N ASP D 253 25.95 23.37 -7.25
CA ASP D 253 24.50 23.17 -7.20
C ASP D 253 23.98 22.84 -5.79
N GLY D 254 24.73 23.25 -4.77
CA GLY D 254 24.40 22.96 -3.39
C GLY D 254 22.95 23.30 -3.05
N PRO D 255 22.47 24.50 -3.47
CA PRO D 255 21.09 24.89 -3.13
C PRO D 255 20.01 23.90 -3.58
N ASN D 256 20.27 23.09 -4.62
CA ASN D 256 19.26 22.14 -5.11
C ASN D 256 19.46 20.67 -4.70
N ALA D 257 20.50 20.40 -3.91
CA ALA D 257 20.80 19.03 -3.48
C ALA D 257 19.88 18.64 -2.31
N VAL D 258 19.39 17.42 -2.35
CA VAL D 258 18.71 16.84 -1.20
C VAL D 258 19.78 16.39 -0.19
N PRO D 259 19.61 16.76 1.10
CA PRO D 259 20.54 16.23 2.07
C PRO D 259 20.49 14.73 2.16
N LEU D 260 21.67 14.16 2.31
CA LEU D 260 21.86 12.73 2.34
C LEU D 260 21.05 12.06 3.44
N ASN D 261 20.92 12.72 4.59
CA ASN D 261 20.18 12.16 5.74
C ASN D 261 18.65 12.31 5.61
N ARG D 262 18.18 12.87 4.52
CA ARG D 262 16.76 12.83 4.21
C ARG D 262 16.46 11.93 3.00
N MET D 263 17.49 11.36 2.35
CA MET D 263 17.24 10.50 1.20
C MET D 263 16.43 9.23 1.48
N GLY D 264 16.70 8.57 2.60
CA GLY D 264 15.99 7.33 2.95
C GLY D 264 14.50 7.55 3.12
N ALA D 265 14.15 8.56 3.92
CA ALA D 265 12.76 8.99 4.08
C ALA D 265 12.06 9.26 2.74
N LEU D 266 12.72 10.04 1.87
CA LEU D 266 12.16 10.35 0.55
C LEU D 266 11.98 9.10 -0.28
N LEU D 267 13.03 8.30 -0.36
CA LEU D 267 13.02 7.08 -1.14
C LEU D 267 11.96 6.09 -0.69
N GLU D 268 11.74 6.02 0.62
CA GLU D 268 10.71 5.16 1.17
C GLU D 268 9.30 5.61 0.71
N THR D 269 9.06 6.92 0.71
CA THR D 269 7.79 7.41 0.17
C THR D 269 7.72 7.07 -1.33
N LEU D 270 8.81 7.29 -2.10
CA LEU D 270 8.75 7.05 -3.56
C LEU D 270 8.49 5.60 -3.90
N VAL D 271 9.12 4.67 -3.18
CA VAL D 271 8.82 3.25 -3.38
C VAL D 271 7.32 2.96 -3.24
N THR D 272 6.70 3.50 -2.19
CA THR D 272 5.27 3.33 -1.99
C THR D 272 4.46 3.82 -3.19
N LEU D 273 4.78 5.00 -3.69
CA LEU D 273 4.10 5.56 -4.85
C LEU D 273 4.28 4.68 -6.09
N ASP D 274 5.55 4.31 -6.34
CA ASP D 274 5.95 3.50 -7.47
C ASP D 274 5.15 2.23 -7.51
N GLN D 275 5.04 1.55 -6.36
CA GLN D 275 4.25 0.30 -6.28
C GLN D 275 2.78 0.47 -6.55
N ALA D 276 2.22 1.56 -6.00
CA ALA D 276 0.82 1.86 -6.12
C ALA D 276 0.42 2.04 -7.55
N VAL D 277 1.23 2.74 -8.35
CA VAL D 277 0.86 3.04 -9.72
C VAL D 277 1.18 1.93 -10.70
N LYS D 278 2.08 1.02 -10.31
CA LYS D 278 2.45 -0.09 -11.20
C LYS D 278 1.80 -1.41 -10.87
N ARG D 279 1.08 -1.46 -9.74
CA ARG D 279 0.33 -2.68 -9.33
C ARG D 279 -0.71 -3.08 -10.36
N ASN D 280 -1.38 -2.09 -10.94
CA ASN D 280 -2.41 -2.25 -11.95
C ASN D 280 -2.01 -1.49 -13.21
N PRO D 281 -2.63 -1.81 -14.36
CA PRO D 281 -2.20 -1.09 -15.57
C PRO D 281 -2.41 0.42 -15.39
N PHE D 282 -1.62 1.25 -16.07
CA PHE D 282 -1.89 2.68 -16.07
C PHE D 282 -3.21 2.98 -16.78
N LEU D 283 -4.08 3.76 -16.16
CA LEU D 283 -5.42 3.98 -16.73
C LEU D 283 -5.37 4.65 -18.11
N GLU D 284 -4.41 5.55 -18.32
CA GLU D 284 -4.24 6.18 -19.64
C GLU D 284 -4.06 5.20 -20.81
N ASN D 285 -3.63 3.97 -20.53
CA ASN D 285 -3.48 3.00 -21.61
C ASN D 285 -4.83 2.51 -22.12
N ASP D 286 -5.87 2.54 -21.28
CA ASP D 286 -7.27 2.30 -21.75
C ASP D 286 -7.73 3.44 -22.67
N PHE D 287 -6.98 4.53 -22.71
CA PHE D 287 -7.26 5.67 -23.59
C PHE D 287 -6.10 5.82 -24.59
S SO4 E . -17.47 -17.22 26.25
O1 SO4 E . -18.67 -18.07 26.40
O2 SO4 E . -16.38 -17.66 27.20
O3 SO4 E . -16.99 -17.30 24.84
O4 SO4 E . -17.69 -15.83 26.64
S SO4 F . -12.98 27.42 -15.87
O1 SO4 F . -13.39 28.76 -15.41
O2 SO4 F . -12.72 27.36 -17.33
O3 SO4 F . -11.78 27.03 -15.07
O4 SO4 F . -14.07 26.43 -15.74
CL CL G . 1.15 18.91 -25.58
CL CL H . 8.70 29.50 -9.82
S SO4 I . 10.21 -30.48 6.70
O1 SO4 I . 11.39 -30.87 7.49
O2 SO4 I . 9.18 -31.53 6.70
O3 SO4 I . 9.68 -29.29 7.37
O4 SO4 I . 10.51 -30.12 5.28
S SO4 J . 29.07 -31.04 18.30
O1 SO4 J . 27.70 -30.99 18.86
O2 SO4 J . 29.24 -29.94 17.35
O3 SO4 J . 30.06 -30.91 19.40
O4 SO4 J . 29.24 -32.31 17.56
CL CL K . 1.44 -20.22 24.63
CL CL L . -8.75 -29.68 9.74
S SO4 M . 22.09 18.97 -18.32
O1 SO4 M . 22.79 18.81 -19.60
O2 SO4 M . 22.03 20.40 -17.96
O3 SO4 M . 20.77 18.37 -18.60
O4 SO4 M . 22.84 18.26 -17.25
S SO4 N . 28.18 10.27 -37.48
O1 SO4 N . 27.13 11.32 -37.44
O2 SO4 N . 29.13 10.43 -36.37
O3 SO4 N . 27.50 8.97 -37.38
O4 SO4 N . 28.88 10.34 -38.78
#